data_8AQ0
#
_entry.id   8AQ0
#
_cell.length_a   132.569
_cell.length_b   42.047
_cell.length_c   137.211
_cell.angle_alpha   90.000
_cell.angle_beta   94.780
_cell.angle_gamma   90.000
#
_symmetry.space_group_name_H-M   'I 1 2 1'
#
loop_
_entity.id
_entity.type
_entity.pdbx_description
1 polymer 'N-carbamoyl-L-amino-acid hydrolase'
2 non-polymer 'ZINC ION'
3 non-polymer 'FE (III) ION'
4 non-polymer '(2~{S})-2-(aminocarbonylamino)-3-(4-hydroxyphenyl)propanoic acid'
5 non-polymer 'CHLORIDE ION'
6 water water
#
_entity_poly.entity_id   1
_entity_poly.type   'polypeptide(L)'
_entity_poly.pdbx_seq_one_letter_code
;MGSSHHHHHHGSGLVPRGSAGMAAPGENRRVNADRLWDSLMEMAKIGPGVAGGNNRQTLTDADGEGRRLFQSWCEEAGLS
MGVDKMGTMFLTRPGTDPDALPVHIGSHLDTQPTGGKFDGVLGVLSGLEAVRTMNDLGIKTKHPIVVTNWTNEEGARFAP
AMLASGVFAGVHTLEYAYARKDPEGKSFGDELKRIGWLGDEEVGARKMHAYFEYHIEQGPILEAENKQIGVVTHCQGGWW
LEFTLTGREAHTGSTPMDMRVNAGLAMARILEMVQTVAMENQPGAVGGVGQMFFSPNSRNVLPGKVVFTVDIRSPDQAKL
DGMRARIEAEAPKICERLGVGCSIEAVGHCDPVTFDPKLVETVRGAAEKLGYSHMNLVSGAGHDACWAAKVAPTTMIMCP
CVGGLSHNEAEDISREWAAAGADVLFHAVLETAEIVE
;
_entity_poly.pdbx_strand_id   A,B
#
loop_
_chem_comp.id
_chem_comp.type
_chem_comp.name
_chem_comp.formula
CL non-polymer 'CHLORIDE ION' 'Cl -1'
FE non-polymer 'FE (III) ION' 'Fe 3'
NV6 non-polymer '(2~{S})-2-(aminocarbonylamino)-3-(4-hydroxyphenyl)propanoic acid' 'C10 H12 N2 O4'
ZN non-polymer 'ZINC ION' 'Zn 2'
#
# COMPACT_ATOMS: atom_id res chain seq x y z
N GLU A 27 -32.86 38.79 -14.55
CA GLU A 27 -33.71 37.86 -15.35
C GLU A 27 -33.31 37.88 -16.84
N ASN A 28 -32.85 39.03 -17.36
CA ASN A 28 -32.08 39.07 -18.58
C ASN A 28 -30.60 38.85 -18.28
N ARG A 29 -30.16 39.27 -17.07
CA ARG A 29 -28.74 39.42 -16.75
C ARG A 29 -28.08 38.06 -16.45
N ARG A 30 -27.12 37.69 -17.31
CA ARG A 30 -26.46 36.39 -17.32
C ARG A 30 -24.93 36.54 -17.24
N VAL A 31 -24.26 35.52 -16.69
CA VAL A 31 -22.80 35.52 -16.64
C VAL A 31 -22.26 35.18 -18.02
N ASN A 32 -20.97 35.44 -18.26
CA ASN A 32 -20.32 35.09 -19.52
C ASN A 32 -19.85 33.64 -19.44
N ALA A 33 -20.52 32.77 -20.22
CA ALA A 33 -20.30 31.33 -20.22
C ALA A 33 -18.92 30.97 -20.76
N ASP A 34 -18.50 31.66 -21.82
CA ASP A 34 -17.24 31.36 -22.48
C ASP A 34 -16.09 31.80 -21.58
N ARG A 35 -16.26 32.90 -20.86
CA ARG A 35 -15.22 33.38 -19.95
C ARG A 35 -15.07 32.46 -18.74
N LEU A 36 -16.17 31.93 -18.21
CA LEU A 36 -16.11 30.97 -17.10
C LEU A 36 -15.40 29.71 -17.56
N TRP A 37 -15.87 29.20 -18.71
CA TRP A 37 -15.36 27.98 -19.27
C TRP A 37 -13.87 28.07 -19.54
N ASP A 38 -13.45 29.20 -20.14
CA ASP A 38 -12.07 29.40 -20.49
C ASP A 38 -11.22 29.40 -19.21
N SER A 39 -11.72 29.96 -18.09
CA SER A 39 -10.97 29.98 -16.83
C SER A 39 -10.82 28.57 -16.22
N LEU A 40 -11.80 27.70 -16.48
CA LEU A 40 -11.75 26.30 -16.07
C LEU A 40 -10.72 25.53 -16.88
N MET A 41 -10.58 25.84 -18.18
CA MET A 41 -9.64 25.09 -19.02
C MET A 41 -8.19 25.53 -18.76
N GLU A 42 -8.02 26.80 -18.35
CA GLU A 42 -6.73 27.34 -17.93
C GLU A 42 -6.28 26.70 -16.61
N MET A 43 -7.16 26.60 -15.61
CA MET A 43 -6.79 26.02 -14.31
C MET A 43 -6.56 24.52 -14.45
N ALA A 44 -7.23 23.88 -15.41
CA ALA A 44 -7.06 22.45 -15.63
C ALA A 44 -5.64 22.12 -16.04
N LYS A 45 -4.93 23.10 -16.61
CA LYS A 45 -3.58 22.88 -17.10
C LYS A 45 -2.55 22.90 -15.97
N ILE A 46 -2.98 23.33 -14.78
CA ILE A 46 -2.11 23.36 -13.61
C ILE A 46 -2.31 22.10 -12.76
N GLY A 47 -1.22 21.32 -12.71
CA GLY A 47 -1.19 20.04 -12.00
C GLY A 47 -2.03 19.00 -12.74
N PRO A 48 -1.70 18.68 -14.02
CA PRO A 48 -2.49 17.72 -14.79
C PRO A 48 -2.38 16.32 -14.19
N GLY A 49 -3.44 15.52 -14.37
CA GLY A 49 -3.39 14.08 -14.13
C GLY A 49 -2.86 13.36 -15.36
N VAL A 50 -3.19 12.08 -15.50
CA VAL A 50 -2.63 11.27 -16.57
C VAL A 50 -3.71 10.96 -17.62
N ALA A 51 -4.90 11.54 -17.44
CA ALA A 51 -6.05 11.26 -18.29
C ALA A 51 -6.96 12.50 -18.41
N GLY A 52 -6.35 13.69 -18.47
CA GLY A 52 -7.06 14.91 -18.77
C GLY A 52 -7.86 15.47 -17.58
N GLY A 53 -7.69 14.89 -16.39
CA GLY A 53 -8.13 15.49 -15.15
C GLY A 53 -6.96 16.23 -14.48
N ASN A 54 -6.95 16.20 -13.14
CA ASN A 54 -6.01 16.95 -12.35
C ASN A 54 -5.54 16.13 -11.16
N ASN A 55 -4.23 16.24 -10.88
CA ASN A 55 -3.62 15.79 -9.66
C ASN A 55 -2.97 17.01 -9.01
N ARG A 56 -3.81 17.88 -8.44
CA ARG A 56 -3.35 19.10 -7.81
C ARG A 56 -3.76 19.07 -6.34
N GLN A 57 -3.07 18.23 -5.57
CA GLN A 57 -3.40 18.04 -4.17
C GLN A 57 -2.88 19.19 -3.32
N THR A 58 -3.51 19.30 -2.14
CA THR A 58 -3.28 20.36 -1.18
C THR A 58 -1.80 20.44 -0.78
N LEU A 59 -1.27 21.67 -0.83
CA LEU A 59 0.04 22.05 -0.31
C LEU A 59 1.19 21.42 -1.11
N THR A 60 0.92 20.97 -2.34
CA THR A 60 1.96 20.64 -3.30
C THR A 60 2.34 21.93 -4.03
N ASP A 61 3.35 21.84 -4.90
CA ASP A 61 3.78 22.98 -5.71
C ASP A 61 2.68 23.35 -6.71
N ALA A 62 2.03 22.36 -7.32
CA ALA A 62 0.98 22.67 -8.27
C ALA A 62 -0.20 23.42 -7.62
N ASP A 63 -0.53 23.12 -6.35
CA ASP A 63 -1.56 23.84 -5.61
C ASP A 63 -1.13 25.30 -5.44
N GLY A 64 0.14 25.52 -5.03
CA GLY A 64 0.74 26.85 -4.97
C GLY A 64 0.57 27.64 -6.26
N GLU A 65 0.90 27.01 -7.39
CA GLU A 65 0.74 27.60 -8.71
C GLU A 65 -0.74 27.94 -8.98
N GLY A 66 -1.66 27.06 -8.59
CA GLY A 66 -3.09 27.26 -8.80
C GLY A 66 -3.63 28.45 -7.98
N ARG A 67 -3.25 28.50 -6.71
CA ARG A 67 -3.56 29.62 -5.83
C ARG A 67 -3.04 30.95 -6.40
N ARG A 68 -1.79 30.98 -6.91
CA ARG A 68 -1.23 32.21 -7.47
C ARG A 68 -1.97 32.65 -8.73
N LEU A 69 -2.37 31.70 -9.60
CA LEU A 69 -3.09 32.05 -10.81
C LEU A 69 -4.43 32.67 -10.45
N PHE A 70 -5.12 32.05 -9.49
CA PHE A 70 -6.41 32.52 -9.01
C PHE A 70 -6.25 33.89 -8.35
N GLN A 71 -5.24 34.01 -7.50
CA GLN A 71 -4.91 35.29 -6.91
C GLN A 71 -4.79 36.37 -8.00
N SER A 72 -4.03 36.13 -9.06
CA SER A 72 -3.76 37.20 -10.02
C SER A 72 -5.03 37.59 -10.80
N TRP A 73 -5.85 36.60 -11.19
CA TRP A 73 -7.11 36.88 -11.86
C TRP A 73 -8.02 37.78 -11.02
N CYS A 74 -8.12 37.45 -9.73
CA CYS A 74 -8.95 38.14 -8.77
C CYS A 74 -8.50 39.57 -8.56
N GLU A 75 -7.19 39.84 -8.53
CA GLU A 75 -6.69 41.20 -8.32
C GLU A 75 -6.92 42.05 -9.57
N GLU A 76 -6.76 41.48 -10.77
CA GLU A 76 -7.17 42.15 -12.00
C GLU A 76 -8.66 42.46 -11.99
N ALA A 77 -9.46 41.74 -11.20
CA ALA A 77 -10.88 42.03 -11.08
C ALA A 77 -11.18 43.00 -9.95
N GLY A 78 -10.15 43.58 -9.31
CA GLY A 78 -10.34 44.54 -8.23
C GLY A 78 -10.64 43.96 -6.84
N LEU A 79 -10.46 42.65 -6.64
CA LEU A 79 -10.64 42.02 -5.34
C LEU A 79 -9.35 42.14 -4.52
N SER A 80 -9.47 42.27 -3.20
CA SER A 80 -8.29 42.30 -2.33
C SER A 80 -8.22 41.08 -1.45
N MET A 81 -6.99 40.64 -1.19
CA MET A 81 -6.74 39.32 -0.64
C MET A 81 -6.38 39.40 0.84
N GLY A 82 -6.98 38.47 1.58
CA GLY A 82 -6.54 38.13 2.92
C GLY A 82 -6.36 36.61 3.00
N VAL A 83 -5.34 36.18 3.77
CA VAL A 83 -5.03 34.77 3.96
C VAL A 83 -4.97 34.48 5.46
N ASP A 84 -5.67 33.42 5.89
CA ASP A 84 -5.61 33.02 7.30
C ASP A 84 -4.46 32.04 7.48
N LYS A 85 -4.29 31.60 8.73
CA LYS A 85 -3.20 30.71 9.11
C LYS A 85 -3.41 29.27 8.64
N MET A 86 -4.57 28.95 8.04
CA MET A 86 -4.81 27.65 7.42
C MET A 86 -4.66 27.71 5.91
N GLY A 87 -4.28 28.90 5.39
CA GLY A 87 -3.98 29.11 3.98
C GLY A 87 -5.22 29.44 3.15
N THR A 88 -6.39 29.48 3.81
CA THR A 88 -7.63 29.87 3.16
C THR A 88 -7.47 31.30 2.64
N MET A 89 -7.84 31.47 1.38
CA MET A 89 -7.76 32.72 0.66
C MET A 89 -9.16 33.34 0.63
N PHE A 90 -9.25 34.60 1.08
CA PHE A 90 -10.47 35.41 0.99
C PHE A 90 -10.21 36.60 0.08
N LEU A 91 -10.92 36.62 -1.06
CA LEU A 91 -10.83 37.71 -2.04
C LEU A 91 -12.07 38.57 -1.99
N THR A 92 -11.92 39.86 -1.63
CA THR A 92 -13.06 40.69 -1.22
C THR A 92 -13.39 41.75 -2.27
N ARG A 93 -14.71 41.87 -2.55
CA ARG A 93 -15.28 42.96 -3.34
C ARG A 93 -16.17 43.79 -2.43
N PRO A 94 -15.66 44.94 -1.96
CA PRO A 94 -16.36 45.74 -0.96
C PRO A 94 -17.79 46.17 -1.35
N GLY A 95 -18.63 46.29 -0.31
CA GLY A 95 -19.97 46.82 -0.47
C GLY A 95 -19.98 48.35 -0.31
N THR A 96 -21.18 48.91 -0.27
CA THR A 96 -21.34 50.34 -0.09
C THR A 96 -21.57 50.65 1.39
N ASP A 97 -22.05 49.67 2.16
CA ASP A 97 -22.03 49.78 3.62
C ASP A 97 -20.69 49.24 4.12
N PRO A 98 -19.84 50.09 4.74
CA PRO A 98 -18.55 49.64 5.26
C PRO A 98 -18.63 48.87 6.57
N ASP A 99 -19.82 48.85 7.23
CA ASP A 99 -20.02 48.09 8.47
C ASP A 99 -20.71 46.74 8.24
N ALA A 100 -21.17 46.44 7.01
CA ALA A 100 -21.99 45.27 6.70
C ALA A 100 -21.16 44.00 6.54
N LEU A 101 -21.68 42.87 7.05
CA LEU A 101 -20.96 41.59 7.03
C LEU A 101 -21.02 41.02 5.63
N PRO A 102 -19.98 40.30 5.17
CA PRO A 102 -19.93 39.81 3.79
C PRO A 102 -20.75 38.55 3.52
N VAL A 103 -21.22 38.47 2.28
CA VAL A 103 -21.71 37.25 1.66
C VAL A 103 -20.51 36.57 1.01
N HIS A 104 -20.19 35.32 1.44
CA HIS A 104 -19.07 34.56 0.88
C HIS A 104 -19.59 33.59 -0.16
N ILE A 105 -18.81 33.45 -1.25
CA ILE A 105 -18.99 32.39 -2.22
C ILE A 105 -17.75 31.50 -2.13
N GLY A 106 -17.94 30.22 -1.75
CA GLY A 106 -16.82 29.38 -1.37
C GLY A 106 -16.76 28.06 -2.14
N SER A 107 -15.53 27.55 -2.31
CA SER A 107 -15.25 26.17 -2.64
C SER A 107 -13.75 25.91 -2.45
N HIS A 108 -13.19 24.96 -3.22
CA HIS A 108 -11.80 24.55 -3.05
C HIS A 108 -11.13 24.41 -4.42
N LEU A 109 -9.84 24.75 -4.51
CA LEU A 109 -9.08 24.47 -5.74
C LEU A 109 -8.25 23.19 -5.61
N ASP A 110 -8.10 22.63 -4.39
CA ASP A 110 -7.36 21.39 -4.20
C ASP A 110 -8.19 20.20 -4.69
N THR A 111 -7.51 19.19 -5.23
CA THR A 111 -8.12 18.03 -5.87
C THR A 111 -7.63 16.73 -5.23
N GLN A 112 -8.31 15.65 -5.63
CA GLN A 112 -7.89 14.28 -5.43
C GLN A 112 -6.72 13.99 -6.36
N PRO A 113 -5.97 12.89 -6.12
CA PRO A 113 -4.93 12.45 -7.06
C PRO A 113 -5.47 12.09 -8.45
N THR A 114 -6.70 11.54 -8.48
CA THR A 114 -7.44 11.24 -9.70
C THR A 114 -8.57 12.26 -9.85
N GLY A 115 -8.23 13.54 -9.75
CA GLY A 115 -9.28 14.55 -9.75
C GLY A 115 -9.86 14.80 -11.14
N GLY A 116 -11.12 15.22 -11.13
CA GLY A 116 -11.71 15.91 -12.27
C GLY A 116 -11.37 17.41 -12.24
N LYS A 117 -11.70 18.06 -13.37
CA LYS A 117 -11.48 19.48 -13.58
C LYS A 117 -12.51 20.36 -12.87
N PHE A 118 -13.53 19.79 -12.22
CA PHE A 118 -14.71 20.57 -11.85
C PHE A 118 -15.06 20.51 -10.37
N ASP A 119 -14.71 19.40 -9.67
CA ASP A 119 -14.93 19.31 -8.23
C ASP A 119 -14.09 20.39 -7.56
N GLY A 120 -14.77 21.28 -6.82
CA GLY A 120 -14.17 22.41 -6.15
C GLY A 120 -13.97 23.63 -7.07
N VAL A 121 -13.24 23.43 -8.17
CA VAL A 121 -12.88 24.52 -9.08
C VAL A 121 -14.11 25.28 -9.60
N LEU A 122 -15.17 24.55 -9.96
CA LEU A 122 -16.37 25.19 -10.47
C LEU A 122 -16.85 26.32 -9.54
N GLY A 123 -16.86 26.05 -8.23
CA GLY A 123 -17.46 26.98 -7.30
C GLY A 123 -16.61 28.22 -7.11
N VAL A 124 -15.29 28.02 -7.09
CA VAL A 124 -14.39 29.12 -6.86
C VAL A 124 -14.38 30.03 -8.11
N LEU A 125 -14.36 29.46 -9.33
CA LEU A 125 -14.19 30.28 -10.53
C LEU A 125 -15.52 30.87 -11.00
N SER A 126 -16.62 30.28 -10.50
CA SER A 126 -17.95 30.83 -10.69
C SER A 126 -18.11 32.10 -9.84
N GLY A 127 -17.56 32.04 -8.62
CA GLY A 127 -17.46 33.22 -7.78
C GLY A 127 -16.71 34.35 -8.48
N LEU A 128 -15.58 34.03 -9.14
CA LEU A 128 -14.86 35.01 -9.91
C LEU A 128 -15.72 35.54 -11.06
N GLU A 129 -16.38 34.64 -11.81
CA GLU A 129 -17.20 35.04 -12.94
C GLU A 129 -18.35 35.95 -12.50
N ALA A 130 -18.93 35.69 -11.34
CA ALA A 130 -20.01 36.53 -10.82
C ALA A 130 -19.52 37.94 -10.53
N VAL A 131 -18.32 38.03 -9.94
CA VAL A 131 -17.68 39.31 -9.71
C VAL A 131 -17.44 39.99 -11.06
N ARG A 132 -16.88 39.27 -12.03
CA ARG A 132 -16.53 39.92 -13.29
C ARG A 132 -17.78 40.49 -13.97
N THR A 133 -18.92 39.77 -13.84
CA THR A 133 -20.17 40.19 -14.45
C THR A 133 -20.70 41.47 -13.79
N MET A 134 -20.58 41.56 -12.45
CA MET A 134 -20.96 42.75 -11.70
C MET A 134 -20.15 43.97 -12.13
N ASN A 135 -18.84 43.76 -12.33
CA ASN A 135 -17.95 44.79 -12.83
C ASN A 135 -18.39 45.21 -14.22
N ASP A 136 -18.73 44.25 -15.10
CA ASP A 136 -19.12 44.54 -16.48
C ASP A 136 -20.37 45.43 -16.52
N LEU A 137 -21.27 45.22 -15.54
CA LEU A 137 -22.55 45.93 -15.46
C LEU A 137 -22.51 47.06 -14.41
N GLY A 138 -21.34 47.38 -13.84
CA GLY A 138 -21.19 48.37 -12.80
C GLY A 138 -22.17 48.23 -11.63
N ILE A 139 -22.44 47.01 -11.16
CA ILE A 139 -23.39 46.77 -10.07
C ILE A 139 -22.69 46.96 -8.71
N LYS A 140 -23.34 47.68 -7.80
CA LYS A 140 -22.85 47.81 -6.44
C LYS A 140 -23.78 47.05 -5.50
N THR A 141 -23.22 46.54 -4.39
CA THR A 141 -24.01 45.86 -3.38
C THR A 141 -23.84 46.55 -2.05
N LYS A 142 -24.81 46.36 -1.16
CA LYS A 142 -24.74 46.84 0.21
C LYS A 142 -23.66 46.09 0.96
N HIS A 143 -23.78 44.74 0.92
CA HIS A 143 -22.89 43.84 1.62
C HIS A 143 -21.68 43.54 0.74
N PRO A 144 -20.45 43.44 1.28
CA PRO A 144 -19.30 43.01 0.49
C PRO A 144 -19.50 41.57 0.05
N ILE A 145 -18.80 41.18 -1.03
CA ILE A 145 -18.81 39.82 -1.53
C ILE A 145 -17.39 39.23 -1.49
N VAL A 146 -17.25 38.04 -0.91
CA VAL A 146 -15.94 37.46 -0.63
C VAL A 146 -15.85 36.09 -1.25
N VAL A 147 -15.03 35.96 -2.29
CA VAL A 147 -14.78 34.69 -2.93
C VAL A 147 -13.72 33.96 -2.11
N THR A 148 -14.01 32.71 -1.75
CA THR A 148 -13.28 31.99 -0.71
C THR A 148 -12.75 30.68 -1.31
N ASN A 149 -11.45 30.43 -1.10
CA ASN A 149 -10.81 29.17 -1.47
C ASN A 149 -10.28 28.53 -0.20
N TRP A 150 -10.91 27.41 0.23
CA TRP A 150 -10.55 26.73 1.46
C TRP A 150 -9.42 25.74 1.20
N THR A 151 -8.50 25.65 2.17
CA THR A 151 -7.39 24.71 2.12
C THR A 151 -7.88 23.33 2.55
N ASN A 152 -7.40 22.30 1.82
CA ASN A 152 -7.55 20.88 2.11
C ASN A 152 -9.01 20.50 2.35
N GLU A 153 -9.81 20.72 1.31
CA GLU A 153 -11.17 20.28 1.36
C GLU A 153 -11.19 18.76 1.24
N GLU A 154 -10.38 18.22 0.31
CA GLU A 154 -10.60 16.89 -0.21
C GLU A 154 -10.25 15.83 0.83
N GLY A 155 -9.26 16.10 1.67
CA GLY A 155 -8.79 15.14 2.67
C GLY A 155 -8.15 13.89 2.06
N ALA A 156 -7.54 14.02 0.87
CA ALA A 156 -6.83 12.95 0.18
C ALA A 156 -5.39 12.80 0.68
N ARG A 157 -4.70 13.92 0.90
CA ARG A 157 -3.31 13.93 1.28
C ARG A 157 -3.18 13.92 2.81
N PHE A 158 -3.93 14.82 3.46
CA PHE A 158 -4.06 14.84 4.91
C PHE A 158 -5.53 14.69 5.28
N ALA A 159 -5.80 13.78 6.21
CA ALA A 159 -7.10 13.62 6.85
C ALA A 159 -7.13 14.42 8.16
N PRO A 160 -8.30 14.95 8.59
CA PRO A 160 -9.53 14.92 7.79
C PRO A 160 -9.74 15.86 6.59
N ALA A 161 -10.81 15.56 5.86
CA ALA A 161 -11.36 16.44 4.85
C ALA A 161 -11.89 17.72 5.49
N MET A 162 -12.09 18.75 4.68
CA MET A 162 -12.68 20.00 5.13
C MET A 162 -11.94 20.53 6.36
N LEU A 163 -10.61 20.42 6.33
CA LEU A 163 -9.79 20.74 7.50
C LEU A 163 -9.81 22.24 7.82
N ALA A 164 -9.60 23.10 6.81
CA ALA A 164 -9.50 24.53 7.05
C ALA A 164 -10.86 25.11 7.49
N SER A 165 -11.93 24.70 6.79
CA SER A 165 -13.25 25.19 7.13
C SER A 165 -13.65 24.67 8.52
N GLY A 166 -13.11 23.51 8.93
CA GLY A 166 -13.38 22.92 10.23
C GLY A 166 -12.71 23.72 11.36
N VAL A 167 -11.48 24.19 11.08
CA VAL A 167 -10.80 25.09 12.00
C VAL A 167 -11.64 26.37 12.11
N PHE A 168 -12.12 26.86 10.96
CA PHE A 168 -12.91 28.08 10.90
C PHE A 168 -14.14 27.97 11.79
N ALA A 169 -14.81 26.82 11.73
CA ALA A 169 -16.03 26.59 12.49
C ALA A 169 -15.73 26.19 13.93
N GLY A 170 -14.45 25.98 14.29
CA GLY A 170 -14.07 25.64 15.66
C GLY A 170 -14.20 24.13 15.98
N VAL A 171 -14.29 23.28 14.96
CA VAL A 171 -14.38 21.83 15.13
C VAL A 171 -13.01 21.27 15.47
N HIS A 172 -11.93 21.83 14.86
CA HIS A 172 -10.56 21.40 15.09
C HIS A 172 -9.72 22.62 15.53
N THR A 173 -8.71 22.41 16.40
CA THR A 173 -7.71 23.41 16.72
C THR A 173 -6.72 23.58 15.57
N LEU A 174 -5.99 24.70 15.58
CA LEU A 174 -4.97 24.99 14.59
C LEU A 174 -3.85 23.96 14.72
N GLU A 175 -3.49 23.61 15.97
CA GLU A 175 -2.37 22.71 16.23
C GLU A 175 -2.66 21.32 15.69
N TYR A 176 -3.88 20.83 15.94
CA TYR A 176 -4.33 19.54 15.43
C TYR A 176 -4.18 19.50 13.91
N ALA A 177 -4.62 20.58 13.25
CA ALA A 177 -4.54 20.70 11.80
C ALA A 177 -3.09 20.67 11.31
N TYR A 178 -2.21 21.41 12.00
CA TYR A 178 -0.80 21.48 11.62
C TYR A 178 -0.08 20.14 11.76
N ALA A 179 -0.53 19.29 12.68
CA ALA A 179 0.15 18.03 12.97
C ALA A 179 -0.34 16.86 12.08
N ARG A 180 -1.30 17.09 11.17
CA ARG A 180 -1.70 16.02 10.27
C ARG A 180 -0.53 15.68 9.36
N LYS A 181 -0.33 14.38 9.10
CA LYS A 181 0.77 13.87 8.29
C LYS A 181 0.24 13.19 7.01
N ASP A 182 0.96 13.36 5.90
CA ASP A 182 0.67 12.63 4.69
C ASP A 182 1.40 11.28 4.76
N PRO A 183 1.25 10.38 3.75
CA PRO A 183 1.81 9.03 3.87
C PRO A 183 3.34 8.99 3.82
N GLU A 184 4.00 10.09 3.45
CA GLU A 184 5.45 10.16 3.50
C GLU A 184 5.94 10.84 4.77
N GLY A 185 5.02 11.23 5.67
CA GLY A 185 5.39 11.67 7.01
C GLY A 185 5.51 13.19 7.15
N LYS A 186 5.21 13.94 6.07
CA LYS A 186 5.29 15.39 6.11
C LYS A 186 4.06 15.95 6.81
N SER A 187 4.22 16.98 7.64
CA SER A 187 3.11 17.57 8.36
C SER A 187 2.50 18.73 7.58
N PHE A 188 1.18 18.92 7.77
CA PHE A 188 0.40 19.96 7.12
C PHE A 188 1.02 21.34 7.36
N GLY A 189 1.29 21.67 8.63
CA GLY A 189 1.88 22.94 9.04
C GLY A 189 3.10 23.34 8.22
N ASP A 190 4.09 22.44 8.17
CA ASP A 190 5.33 22.66 7.44
C ASP A 190 5.10 22.83 5.94
N GLU A 191 4.21 22.03 5.35
CA GLU A 191 3.95 22.11 3.92
C GLU A 191 3.27 23.44 3.53
N LEU A 192 2.33 23.91 4.36
CA LEU A 192 1.71 25.21 4.20
C LEU A 192 2.78 26.31 4.13
N LYS A 193 3.74 26.24 5.06
CA LYS A 193 4.77 27.25 5.17
C LYS A 193 5.65 27.15 3.91
N ARG A 194 5.97 25.92 3.49
CA ARG A 194 6.89 25.69 2.37
C ARG A 194 6.35 26.36 1.11
N ILE A 195 5.08 26.11 0.72
CA ILE A 195 4.58 26.66 -0.52
C ILE A 195 4.22 28.16 -0.40
N GLY A 196 4.31 28.72 0.81
CA GLY A 196 4.28 30.16 1.03
C GLY A 196 2.89 30.75 1.27
N TRP A 197 1.97 29.98 1.88
CA TRP A 197 0.58 30.40 2.04
C TRP A 197 0.14 30.38 3.50
N LEU A 198 1.10 30.45 4.44
CA LEU A 198 0.74 30.65 5.84
C LEU A 198 0.42 32.12 6.05
N GLY A 199 -0.87 32.47 6.18
CA GLY A 199 -1.29 33.87 6.25
C GLY A 199 -1.26 34.40 7.68
N ASP A 200 -1.73 35.64 7.88
CA ASP A 200 -1.57 36.33 9.15
C ASP A 200 -2.90 36.38 9.92
N GLU A 201 -4.04 36.14 9.24
CA GLU A 201 -5.36 36.30 9.84
C GLU A 201 -5.68 35.13 10.78
N GLU A 202 -6.36 35.43 11.88
CA GLU A 202 -6.79 34.41 12.83
C GLU A 202 -7.85 33.58 12.11
N VAL A 203 -7.81 32.23 12.28
CA VAL A 203 -8.78 31.38 11.58
C VAL A 203 -10.13 31.54 12.25
N GLY A 204 -11.13 31.94 11.45
CA GLY A 204 -12.51 32.02 11.90
C GLY A 204 -12.84 33.35 12.60
N ALA A 205 -11.94 34.33 12.52
CA ALA A 205 -12.18 35.66 13.08
C ALA A 205 -13.19 36.47 12.22
N ARG A 206 -13.24 36.21 10.92
CA ARG A 206 -14.24 36.77 10.01
C ARG A 206 -15.64 36.22 10.28
N LYS A 207 -16.60 37.14 10.35
CA LYS A 207 -18.01 36.84 10.50
C LYS A 207 -18.71 37.01 9.15
N MET A 208 -19.60 36.07 8.79
CA MET A 208 -20.23 36.00 7.49
C MET A 208 -21.71 36.34 7.65
N HIS A 209 -22.27 37.09 6.70
CA HIS A 209 -23.71 37.30 6.65
C HIS A 209 -24.40 36.08 6.03
N ALA A 210 -23.78 35.50 5.00
CA ALA A 210 -24.29 34.29 4.37
C ALA A 210 -23.17 33.62 3.59
N TYR A 211 -23.34 32.33 3.32
CA TYR A 211 -22.33 31.59 2.59
C TYR A 211 -23.05 30.77 1.53
N PHE A 212 -22.56 30.83 0.27
CA PHE A 212 -23.08 30.03 -0.84
C PHE A 212 -21.94 29.21 -1.46
N GLU A 213 -22.24 27.95 -1.83
CA GLU A 213 -21.30 27.10 -2.54
C GLU A 213 -22.02 26.53 -3.77
N TYR A 214 -21.45 26.75 -4.95
CA TYR A 214 -21.86 26.12 -6.20
C TYR A 214 -20.88 24.98 -6.44
N HIS A 215 -21.44 23.80 -6.74
CA HIS A 215 -20.67 22.57 -6.87
C HIS A 215 -21.39 21.66 -7.85
N ILE A 216 -20.64 20.83 -8.59
CA ILE A 216 -21.22 19.72 -9.35
C ILE A 216 -21.91 18.78 -8.37
N GLU A 217 -22.88 18.03 -8.87
CA GLU A 217 -23.68 17.15 -8.05
C GLU A 217 -22.84 16.00 -7.50
N GLN A 218 -21.96 15.42 -8.33
CA GLN A 218 -21.24 14.20 -7.96
C GLN A 218 -22.21 13.03 -7.74
N GLY A 219 -23.40 13.11 -8.35
CA GLY A 219 -24.40 12.07 -8.29
C GLY A 219 -25.17 12.07 -9.59
N PRO A 220 -25.97 11.02 -9.87
CA PRO A 220 -26.59 10.86 -11.19
C PRO A 220 -27.92 11.56 -11.43
N ILE A 221 -28.44 12.26 -10.42
CA ILE A 221 -29.87 12.53 -10.31
C ILE A 221 -30.30 13.63 -11.30
N LEU A 222 -29.57 14.75 -11.36
CA LEU A 222 -29.97 15.89 -12.17
C LEU A 222 -29.92 15.50 -13.65
N GLU A 223 -28.90 14.75 -14.02
CA GLU A 223 -28.79 14.30 -15.39
C GLU A 223 -29.93 13.30 -15.68
N ALA A 224 -30.21 12.35 -14.76
CA ALA A 224 -31.23 11.32 -14.99
C ALA A 224 -32.63 11.91 -15.05
N GLU A 225 -32.89 12.99 -14.28
CA GLU A 225 -34.20 13.64 -14.24
C GLU A 225 -34.29 14.81 -15.20
N ASN A 226 -33.24 15.09 -15.97
CA ASN A 226 -33.24 16.19 -16.92
C ASN A 226 -33.52 17.55 -16.25
N LYS A 227 -32.87 17.81 -15.11
CA LYS A 227 -32.97 19.08 -14.41
C LYS A 227 -31.65 19.86 -14.52
N GLN A 228 -31.74 21.18 -14.64
CA GLN A 228 -30.54 22.01 -14.84
C GLN A 228 -29.95 22.44 -13.49
N ILE A 229 -30.81 22.68 -12.48
CA ILE A 229 -30.35 23.20 -11.20
C ILE A 229 -30.83 22.29 -10.06
N GLY A 230 -29.90 22.02 -9.15
CA GLY A 230 -30.15 21.31 -7.92
C GLY A 230 -30.21 22.31 -6.77
N VAL A 231 -31.38 22.33 -6.12
CA VAL A 231 -31.59 23.18 -4.95
C VAL A 231 -31.27 22.33 -3.74
N VAL A 232 -30.08 22.56 -3.17
CA VAL A 232 -29.57 21.72 -2.10
C VAL A 232 -30.20 22.14 -0.78
N THR A 233 -30.93 21.17 -0.17
CA THR A 233 -31.70 21.36 1.04
C THR A 233 -30.93 20.82 2.24
N HIS A 234 -30.19 19.72 2.01
CA HIS A 234 -29.53 18.99 3.08
C HIS A 234 -28.23 18.40 2.57
N CYS A 235 -27.33 18.13 3.51
CA CYS A 235 -26.11 17.38 3.24
C CYS A 235 -26.09 16.12 4.10
N GLN A 236 -25.77 14.99 3.48
CA GLN A 236 -25.65 13.74 4.19
C GLN A 236 -24.38 13.83 5.04
N GLY A 237 -24.40 13.16 6.19
CA GLY A 237 -23.25 13.07 7.07
C GLY A 237 -22.47 11.75 6.89
N GLY A 238 -21.28 11.69 7.50
CA GLY A 238 -20.41 10.54 7.33
C GLY A 238 -19.40 10.37 8.46
N TRP A 239 -18.74 9.21 8.47
CA TRP A 239 -17.61 8.92 9.33
C TRP A 239 -16.46 8.33 8.48
N TRP A 240 -15.23 8.71 8.82
CA TRP A 240 -14.02 7.99 8.44
C TRP A 240 -13.50 7.26 9.66
N LEU A 241 -13.54 5.94 9.61
CA LEU A 241 -13.05 5.14 10.72
C LEU A 241 -11.76 4.49 10.26
N GLU A 242 -10.65 4.80 10.93
CA GLU A 242 -9.36 4.24 10.56
C GLU A 242 -9.05 3.05 11.46
N PHE A 243 -8.96 1.90 10.80
CA PHE A 243 -8.61 0.66 11.47
C PHE A 243 -7.11 0.40 11.38
N THR A 244 -6.53 0.04 12.52
CA THR A 244 -5.18 -0.47 12.61
C THR A 244 -5.25 -1.88 13.18
N LEU A 245 -4.99 -2.87 12.32
CA LEU A 245 -5.03 -4.28 12.70
C LEU A 245 -3.62 -4.82 12.90
N THR A 246 -3.42 -5.56 14.00
CA THR A 246 -2.12 -6.09 14.38
C THR A 246 -2.09 -7.62 14.19
N GLY A 247 -1.24 -8.05 13.25
CA GLY A 247 -0.93 -9.46 13.05
C GLY A 247 0.47 -9.79 13.55
N ARG A 248 0.92 -11.01 13.24
CA ARG A 248 2.27 -11.45 13.52
C ARG A 248 2.97 -11.69 12.18
N GLU A 249 4.06 -10.95 11.91
CA GLU A 249 4.87 -11.23 10.74
C GLU A 249 5.32 -12.68 10.83
N ALA A 250 5.17 -13.40 9.71
CA ALA A 250 5.52 -14.80 9.65
C ALA A 250 5.64 -15.25 8.21
N HIS A 251 6.30 -16.37 8.04
CA HIS A 251 6.62 -16.86 6.71
C HIS A 251 5.36 -17.46 6.09
N THR A 252 5.02 -17.03 4.87
CA THR A 252 3.80 -17.40 4.19
C THR A 252 3.84 -18.81 3.62
N GLY A 253 5.02 -19.42 3.59
CA GLY A 253 5.20 -20.75 3.02
C GLY A 253 5.39 -21.82 4.07
N SER A 254 5.92 -21.47 5.24
CA SER A 254 6.34 -22.48 6.20
C SER A 254 5.51 -22.41 7.49
N THR A 255 4.65 -21.39 7.64
CA THR A 255 3.79 -21.31 8.82
C THR A 255 2.57 -22.18 8.55
N PRO A 256 2.25 -23.18 9.40
CA PRO A 256 1.01 -23.93 9.27
C PRO A 256 -0.22 -23.01 9.43
N MET A 257 -1.31 -23.36 8.76
CA MET A 257 -2.50 -22.52 8.72
C MET A 257 -3.01 -22.28 10.15
N ASP A 258 -2.93 -23.31 11.01
CA ASP A 258 -3.49 -23.22 12.35
C ASP A 258 -2.58 -22.39 13.27
N MET A 259 -1.50 -21.81 12.76
CA MET A 259 -0.61 -21.00 13.58
C MET A 259 -0.50 -19.55 13.08
N ARG A 260 -1.13 -19.24 11.95
CA ARG A 260 -1.11 -17.90 11.39
C ARG A 260 -2.06 -17.00 12.17
N VAL A 261 -1.58 -15.77 12.41
CA VAL A 261 -2.35 -14.61 12.87
C VAL A 261 -2.40 -13.61 11.68
N ASN A 262 -3.50 -13.69 10.93
CA ASN A 262 -3.58 -13.13 9.59
C ASN A 262 -4.41 -11.85 9.58
N ALA A 263 -3.77 -10.68 9.73
CA ALA A 263 -4.44 -9.38 9.72
C ALA A 263 -5.00 -9.03 8.34
N GLY A 264 -4.47 -9.66 7.29
CA GLY A 264 -5.01 -9.49 5.94
C GLY A 264 -6.39 -10.11 5.78
N LEU A 265 -6.55 -11.33 6.30
CA LEU A 265 -7.83 -12.02 6.25
C LEU A 265 -8.80 -11.26 7.13
N ALA A 266 -8.35 -10.75 8.29
CA ALA A 266 -9.23 -9.99 9.17
C ALA A 266 -9.78 -8.77 8.44
N MET A 267 -8.92 -8.04 7.72
CA MET A 267 -9.31 -6.87 6.93
C MET A 267 -10.32 -7.30 5.88
N ALA A 268 -10.12 -8.47 5.26
CA ALA A 268 -10.99 -9.01 4.22
C ALA A 268 -12.41 -9.23 4.74
N ARG A 269 -12.51 -9.84 5.92
CA ARG A 269 -13.79 -10.10 6.55
C ARG A 269 -14.44 -8.80 7.00
N ILE A 270 -13.66 -7.77 7.39
CA ILE A 270 -14.21 -6.50 7.83
C ILE A 270 -14.77 -5.73 6.63
N LEU A 271 -14.09 -5.72 5.48
CA LEU A 271 -14.66 -5.16 4.25
C LEU A 271 -15.97 -5.85 3.86
N GLU A 272 -16.03 -7.18 3.97
CA GLU A 272 -17.26 -7.89 3.63
C GLU A 272 -18.37 -7.47 4.59
N MET A 273 -18.02 -7.24 5.87
CA MET A 273 -19.05 -6.91 6.85
C MET A 273 -19.59 -5.50 6.59
N VAL A 274 -18.73 -4.56 6.21
CA VAL A 274 -19.12 -3.23 5.80
C VAL A 274 -20.08 -3.26 4.60
N GLN A 275 -19.75 -4.04 3.57
CA GLN A 275 -20.68 -4.26 2.46
C GLN A 275 -22.05 -4.76 2.97
N THR A 276 -22.09 -5.69 3.92
CA THR A 276 -23.34 -6.20 4.46
C THR A 276 -24.11 -5.12 5.22
N VAL A 277 -23.41 -4.35 6.06
CA VAL A 277 -24.07 -3.29 6.81
C VAL A 277 -24.66 -2.24 5.86
N ALA A 278 -23.94 -1.89 4.78
CA ALA A 278 -24.43 -0.91 3.83
C ALA A 278 -25.67 -1.44 3.10
N MET A 279 -25.62 -2.72 2.68
CA MET A 279 -26.66 -3.30 1.87
C MET A 279 -27.91 -3.66 2.70
N GLU A 280 -27.74 -3.78 4.01
CA GLU A 280 -28.85 -4.00 4.93
C GLU A 280 -29.49 -2.66 5.31
N ASN A 281 -28.97 -1.53 4.82
CA ASN A 281 -29.44 -0.22 5.27
C ASN A 281 -29.95 0.62 4.11
N GLN A 282 -30.28 0.00 2.99
CA GLN A 282 -30.77 0.70 1.80
C GLN A 282 -32.23 1.05 2.01
N PRO A 283 -32.75 2.18 1.41
CA PRO A 283 -31.93 3.14 0.67
C PRO A 283 -31.25 4.16 1.60
N GLY A 284 -30.31 4.96 1.07
CA GLY A 284 -29.76 6.06 1.84
C GLY A 284 -28.62 5.67 2.77
N ALA A 285 -27.76 4.74 2.34
CA ALA A 285 -26.57 4.37 3.08
C ALA A 285 -25.50 3.91 2.10
N VAL A 286 -24.24 4.34 2.37
CA VAL A 286 -23.10 3.84 1.63
C VAL A 286 -22.02 3.47 2.63
N GLY A 287 -21.23 2.44 2.26
CA GLY A 287 -20.00 2.11 2.97
C GLY A 287 -18.94 1.55 2.02
N GLY A 288 -17.66 1.66 2.42
CA GLY A 288 -16.58 1.26 1.53
C GLY A 288 -15.22 1.78 1.98
N VAL A 289 -14.18 1.37 1.26
CA VAL A 289 -12.79 1.60 1.62
C VAL A 289 -12.03 2.00 0.37
N GLY A 290 -11.30 3.13 0.44
CA GLY A 290 -10.46 3.56 -0.67
C GLY A 290 -8.97 3.58 -0.33
N GLN A 291 -8.65 3.59 0.96
CA GLN A 291 -7.25 3.60 1.38
C GLN A 291 -6.92 2.37 2.24
N MET A 292 -5.70 1.84 2.04
CA MET A 292 -5.26 0.55 2.56
C MET A 292 -3.72 0.53 2.59
N PHE A 293 -3.13 0.15 3.72
CA PHE A 293 -1.69 -0.11 3.79
C PHE A 293 -1.39 -1.43 4.49
N PHE A 294 -0.43 -2.19 3.94
CA PHE A 294 0.13 -3.37 4.60
C PHE A 294 1.57 -3.11 5.02
N SER A 295 1.98 -3.59 6.21
CA SER A 295 3.37 -3.58 6.64
C SER A 295 3.85 -4.99 7.01
N PRO A 296 5.06 -5.43 6.62
CA PRO A 296 5.95 -4.67 5.73
C PRO A 296 5.70 -4.77 4.22
N ASN A 297 4.64 -5.45 3.80
CA ASN A 297 4.24 -5.48 2.40
C ASN A 297 5.21 -6.32 1.59
N SER A 298 5.70 -7.44 2.14
CA SER A 298 6.44 -8.42 1.36
C SER A 298 5.56 -9.59 0.96
N ARG A 299 5.83 -10.12 -0.24
CA ARG A 299 5.04 -11.19 -0.82
C ARG A 299 5.05 -12.46 0.04
N ASN A 300 6.13 -12.70 0.82
CA ASN A 300 6.25 -13.91 1.62
C ASN A 300 6.33 -13.57 3.12
N VAL A 301 5.69 -12.47 3.54
CA VAL A 301 5.61 -12.16 4.96
C VAL A 301 4.17 -11.77 5.26
N LEU A 302 3.45 -12.55 6.09
CA LEU A 302 2.13 -12.14 6.53
C LEU A 302 2.30 -10.80 7.25
N PRO A 303 1.37 -9.85 7.08
CA PRO A 303 1.59 -8.48 7.56
C PRO A 303 1.50 -8.35 9.08
N GLY A 304 2.38 -7.53 9.66
CA GLY A 304 2.27 -7.20 11.06
C GLY A 304 1.26 -6.07 11.36
N LYS A 305 1.07 -5.16 10.39
CA LYS A 305 0.05 -4.10 10.47
C LYS A 305 -0.70 -4.02 9.15
N VAL A 306 -2.02 -3.91 9.27
CA VAL A 306 -2.87 -3.53 8.16
C VAL A 306 -3.69 -2.34 8.61
N VAL A 307 -3.55 -1.23 7.88
CA VAL A 307 -4.22 0.02 8.19
C VAL A 307 -5.15 0.35 7.03
N PHE A 308 -6.42 0.69 7.33
CA PHE A 308 -7.36 1.10 6.29
C PHE A 308 -8.45 1.98 6.87
N THR A 309 -9.17 2.68 5.97
CA THR A 309 -10.25 3.59 6.37
C THR A 309 -11.57 3.14 5.77
N VAL A 310 -12.56 2.95 6.65
CA VAL A 310 -13.94 2.75 6.28
C VAL A 310 -14.68 4.09 6.27
N ASP A 311 -15.33 4.37 5.12
CA ASP A 311 -16.13 5.56 4.86
C ASP A 311 -17.60 5.15 4.86
N ILE A 312 -18.36 5.56 5.89
CA ILE A 312 -19.80 5.25 5.95
C ILE A 312 -20.60 6.56 5.98
N ARG A 313 -21.74 6.57 5.27
CA ARG A 313 -22.56 7.78 5.16
C ARG A 313 -24.04 7.44 5.06
N SER A 314 -24.86 8.33 5.63
CA SER A 314 -26.31 8.30 5.50
C SER A 314 -26.82 9.73 5.63
N PRO A 315 -27.92 10.10 4.92
CA PRO A 315 -28.70 11.31 5.20
C PRO A 315 -29.30 11.37 6.60
N ASP A 316 -29.45 10.21 7.24
CA ASP A 316 -30.22 10.00 8.45
C ASP A 316 -29.22 9.75 9.59
N GLN A 317 -29.25 10.63 10.59
CA GLN A 317 -28.34 10.60 11.74
C GLN A 317 -28.43 9.28 12.54
N ALA A 318 -29.64 8.85 12.92
CA ALA A 318 -29.81 7.64 13.71
C ALA A 318 -29.29 6.41 12.95
N LYS A 319 -29.62 6.30 11.67
CA LYS A 319 -29.12 5.25 10.79
C LYS A 319 -27.59 5.30 10.72
N LEU A 320 -26.99 6.49 10.64
CA LEU A 320 -25.54 6.61 10.57
C LEU A 320 -24.92 6.18 11.90
N ASP A 321 -25.46 6.68 13.02
CA ASP A 321 -25.03 6.26 14.34
C ASP A 321 -25.06 4.72 14.47
N GLY A 322 -26.14 4.10 13.96
CA GLY A 322 -26.37 2.66 14.13
C GLY A 322 -25.36 1.83 13.32
N MET A 323 -25.03 2.27 12.11
CA MET A 323 -24.09 1.58 11.26
C MET A 323 -22.68 1.64 11.87
N ARG A 324 -22.33 2.78 12.46
CA ARG A 324 -21.06 2.95 13.11
C ARG A 324 -20.96 2.04 14.34
N ALA A 325 -21.93 2.13 15.25
CA ALA A 325 -21.90 1.31 16.44
C ALA A 325 -21.70 -0.15 16.05
N ARG A 326 -22.43 -0.60 15.02
CA ARG A 326 -22.43 -1.98 14.56
C ARG A 326 -21.07 -2.40 13.98
N ILE A 327 -20.52 -1.60 13.06
CA ILE A 327 -19.19 -1.87 12.52
C ILE A 327 -18.19 -1.93 13.66
N GLU A 328 -18.29 -1.00 14.62
CA GLU A 328 -17.33 -0.96 15.72
C GLU A 328 -17.50 -2.09 16.73
N ALA A 329 -18.68 -2.74 16.79
CA ALA A 329 -18.85 -3.91 17.64
C ALA A 329 -18.42 -5.19 16.91
N GLU A 330 -18.80 -5.37 15.65
CA GLU A 330 -18.54 -6.61 14.93
C GLU A 330 -17.07 -6.74 14.53
N ALA A 331 -16.35 -5.62 14.29
CA ALA A 331 -15.01 -5.73 13.74
C ALA A 331 -14.04 -6.37 14.73
N PRO A 332 -13.95 -5.92 16.02
CA PRO A 332 -13.15 -6.60 17.04
C PRO A 332 -13.42 -8.11 17.22
N LYS A 333 -14.64 -8.56 16.92
CA LYS A 333 -14.96 -9.98 17.00
C LYS A 333 -14.43 -10.72 15.79
N ILE A 334 -14.50 -10.12 14.61
CA ILE A 334 -13.84 -10.72 13.46
C ILE A 334 -12.37 -10.94 13.82
N CYS A 335 -11.75 -9.92 14.44
CA CYS A 335 -10.31 -9.92 14.73
C CYS A 335 -9.95 -10.93 15.84
N GLU A 336 -10.72 -10.92 16.93
CA GLU A 336 -10.51 -11.83 18.05
C GLU A 336 -10.64 -13.29 17.58
N ARG A 337 -11.58 -13.61 16.67
CA ARG A 337 -11.63 -14.97 16.14
C ARG A 337 -10.30 -15.36 15.48
N LEU A 338 -9.48 -14.41 15.00
CA LEU A 338 -8.28 -14.69 14.22
C LEU A 338 -7.00 -14.43 15.01
N GLY A 339 -7.13 -14.06 16.30
CA GLY A 339 -5.99 -13.68 17.13
C GLY A 339 -5.45 -12.27 16.80
N VAL A 340 -6.20 -11.46 16.04
CA VAL A 340 -5.71 -10.20 15.51
C VAL A 340 -6.16 -9.07 16.44
N GLY A 341 -5.23 -8.13 16.74
CA GLY A 341 -5.53 -6.94 17.54
C GLY A 341 -6.23 -5.88 16.70
N CYS A 342 -7.15 -5.12 17.29
CA CYS A 342 -8.02 -4.22 16.53
C CYS A 342 -8.11 -2.89 17.27
N SER A 343 -7.83 -1.80 16.55
CA SER A 343 -7.82 -0.45 17.08
C SER A 343 -8.43 0.50 16.06
N ILE A 344 -9.34 1.38 16.52
CA ILE A 344 -10.13 2.25 15.65
C ILE A 344 -10.02 3.70 16.10
N GLU A 345 -9.72 4.57 15.14
CA GLU A 345 -9.74 6.01 15.38
C GLU A 345 -10.62 6.68 14.32
N ALA A 346 -11.57 7.51 14.73
CA ALA A 346 -12.25 8.47 13.86
C ALA A 346 -11.26 9.54 13.34
N VAL A 347 -11.00 9.54 12.04
CA VAL A 347 -10.14 10.52 11.41
C VAL A 347 -10.96 11.40 10.47
N GLY A 348 -12.26 11.54 10.77
CA GLY A 348 -13.10 12.44 10.01
C GLY A 348 -14.57 12.17 10.31
N HIS A 349 -15.34 13.25 10.34
CA HIS A 349 -16.71 13.16 10.82
C HIS A 349 -17.45 14.45 10.46
N CYS A 350 -18.57 14.33 9.73
CA CYS A 350 -19.53 15.42 9.62
C CYS A 350 -20.95 14.88 9.77
N ASP A 351 -21.73 15.47 10.69
CA ASP A 351 -23.12 15.06 10.86
C ASP A 351 -23.97 15.64 9.73
N PRO A 352 -25.15 15.04 9.43
CA PRO A 352 -26.08 15.57 8.43
C PRO A 352 -26.40 17.05 8.69
N VAL A 353 -26.48 17.87 7.64
CA VAL A 353 -26.75 19.30 7.78
C VAL A 353 -28.04 19.69 7.06
N THR A 354 -28.82 20.57 7.70
CA THR A 354 -30.01 21.17 7.11
C THR A 354 -29.71 22.59 6.66
N PHE A 355 -29.86 22.91 5.37
CA PHE A 355 -29.43 24.23 4.90
C PHE A 355 -30.46 25.30 5.27
N ASP A 356 -30.01 26.56 5.30
CA ASP A 356 -30.82 27.67 5.77
C ASP A 356 -32.01 27.86 4.82
N PRO A 357 -33.26 27.69 5.33
CA PRO A 357 -34.45 27.75 4.48
C PRO A 357 -34.64 29.04 3.67
N LYS A 358 -34.24 30.20 4.23
CA LYS A 358 -34.40 31.48 3.55
C LYS A 358 -33.49 31.51 2.31
N LEU A 359 -32.25 31.03 2.45
CA LEU A 359 -31.33 31.04 1.32
C LEU A 359 -31.72 29.98 0.30
N VAL A 360 -32.35 28.88 0.78
CA VAL A 360 -32.89 27.84 -0.10
C VAL A 360 -33.95 28.48 -0.99
N GLU A 361 -34.88 29.28 -0.44
CA GLU A 361 -35.88 29.99 -1.26
C GLU A 361 -35.22 30.94 -2.26
N THR A 362 -34.19 31.69 -1.85
CA THR A 362 -33.50 32.58 -2.76
C THR A 362 -32.99 31.84 -4.00
N VAL A 363 -32.46 30.63 -3.78
CA VAL A 363 -31.89 29.81 -4.83
C VAL A 363 -32.98 29.31 -5.78
N ARG A 364 -34.03 28.73 -5.19
CA ARG A 364 -35.19 28.30 -5.95
C ARG A 364 -35.75 29.48 -6.74
N GLY A 365 -35.87 30.66 -6.09
CA GLY A 365 -36.41 31.84 -6.74
C GLY A 365 -35.58 32.26 -7.95
N ALA A 366 -34.25 32.25 -7.79
CA ALA A 366 -33.35 32.62 -8.87
C ALA A 366 -33.50 31.68 -10.07
N ALA A 367 -33.67 30.37 -9.80
CA ALA A 367 -33.89 29.36 -10.82
C ALA A 367 -35.17 29.65 -11.61
N GLU A 368 -36.23 29.98 -10.88
CA GLU A 368 -37.54 30.22 -11.45
C GLU A 368 -37.53 31.50 -12.28
N LYS A 369 -36.97 32.58 -11.71
CA LYS A 369 -36.80 33.85 -12.41
C LYS A 369 -36.08 33.66 -13.74
N LEU A 370 -35.14 32.70 -13.79
CA LEU A 370 -34.26 32.51 -14.93
C LEU A 370 -34.85 31.50 -15.92
N GLY A 371 -35.91 30.79 -15.53
CA GLY A 371 -36.58 29.81 -16.38
C GLY A 371 -35.84 28.48 -16.42
N TYR A 372 -35.06 28.17 -15.37
CA TYR A 372 -34.28 26.94 -15.34
C TYR A 372 -35.03 25.84 -14.58
N SER A 373 -35.11 24.64 -15.17
CA SER A 373 -35.69 23.49 -14.51
C SER A 373 -34.88 23.18 -13.25
N HIS A 374 -35.56 22.82 -12.15
CA HIS A 374 -34.91 22.61 -10.87
C HIS A 374 -35.64 21.51 -10.07
N MET A 375 -34.90 20.88 -9.15
CA MET A 375 -35.48 20.03 -8.12
C MET A 375 -34.64 20.18 -6.84
N ASN A 376 -35.22 19.77 -5.71
CA ASN A 376 -34.46 19.65 -4.47
C ASN A 376 -33.59 18.40 -4.50
N LEU A 377 -32.53 18.45 -3.68
CA LEU A 377 -31.43 17.49 -3.68
C LEU A 377 -30.78 17.48 -2.29
N VAL A 378 -30.45 16.27 -1.84
CA VAL A 378 -29.54 16.04 -0.72
C VAL A 378 -28.13 15.87 -1.29
N SER A 379 -27.16 16.65 -0.82
CA SER A 379 -25.78 16.44 -1.22
C SER A 379 -25.25 15.11 -0.67
N GLY A 380 -24.63 14.32 -1.57
CA GLY A 380 -24.01 13.04 -1.26
C GLY A 380 -22.66 13.22 -0.59
N ALA A 381 -21.89 14.17 -1.10
CA ALA A 381 -20.56 14.48 -0.57
C ALA A 381 -20.70 15.40 0.64
N GLY A 382 -19.63 15.55 1.39
CA GLY A 382 -19.45 16.69 2.26
C GLY A 382 -18.78 17.85 1.51
N HIS A 383 -18.91 19.06 2.08
CA HIS A 383 -18.37 20.26 1.47
C HIS A 383 -18.00 21.22 2.59
N ASP A 384 -17.20 22.23 2.26
CA ASP A 384 -16.88 23.28 3.23
C ASP A 384 -18.18 23.96 3.72
N ALA A 385 -19.19 24.08 2.86
CA ALA A 385 -20.54 24.51 3.21
C ALA A 385 -21.12 23.87 4.49
N CYS A 386 -20.78 22.60 4.75
CA CYS A 386 -21.30 21.90 5.92
C CYS A 386 -20.75 22.47 7.22
N TRP A 387 -19.48 22.90 7.21
CA TRP A 387 -18.92 23.59 8.36
C TRP A 387 -19.33 25.07 8.39
N ALA A 388 -19.42 25.71 7.22
CA ALA A 388 -19.92 27.09 7.16
C ALA A 388 -21.25 27.24 7.88
N ALA A 389 -22.14 26.25 7.73
CA ALA A 389 -23.47 26.20 8.31
C ALA A 389 -23.45 26.15 9.85
N LYS A 390 -22.36 25.76 10.48
CA LYS A 390 -22.25 25.96 11.91
C LYS A 390 -22.32 27.46 12.28
N VAL A 391 -21.75 28.34 11.44
CA VAL A 391 -21.46 29.71 11.89
C VAL A 391 -22.17 30.79 11.08
N ALA A 392 -22.95 30.42 10.06
CA ALA A 392 -23.62 31.41 9.23
C ALA A 392 -24.75 30.75 8.44
N PRO A 393 -25.82 31.50 8.08
CA PRO A 393 -26.81 31.01 7.12
C PRO A 393 -26.09 30.57 5.84
N THR A 394 -26.47 29.37 5.37
CA THR A 394 -25.69 28.68 4.34
C THR A 394 -26.61 27.89 3.42
N THR A 395 -26.30 27.87 2.13
CA THR A 395 -26.86 26.86 1.25
C THR A 395 -25.89 26.61 0.10
N MET A 396 -26.31 25.68 -0.77
CA MET A 396 -25.53 25.24 -1.91
C MET A 396 -26.45 25.19 -3.14
N ILE A 397 -25.79 25.24 -4.30
CA ILE A 397 -26.38 25.09 -5.61
C ILE A 397 -25.59 23.98 -6.31
N MET A 398 -26.30 23.11 -7.04
CA MET A 398 -25.59 22.11 -7.83
C MET A 398 -26.00 22.18 -9.29
N CYS A 399 -25.04 21.84 -10.17
CA CYS A 399 -25.40 21.51 -11.55
C CYS A 399 -25.20 20.02 -11.74
N PRO A 400 -25.66 19.43 -12.87
CA PRO A 400 -25.52 18.00 -13.12
C PRO A 400 -24.08 17.68 -13.46
N CYS A 401 -23.71 16.39 -13.31
CA CYS A 401 -22.53 15.85 -13.93
C CYS A 401 -22.84 14.49 -14.55
N VAL A 402 -22.09 14.14 -15.60
CA VAL A 402 -22.29 12.93 -16.36
C VAL A 402 -22.07 11.68 -15.51
N GLY A 403 -23.10 10.80 -15.52
CA GLY A 403 -23.11 9.51 -14.84
C GLY A 403 -22.96 9.64 -13.32
N GLY A 404 -23.14 10.86 -12.76
CA GLY A 404 -22.71 11.18 -11.39
C GLY A 404 -21.26 10.83 -11.05
N LEU A 405 -20.39 10.72 -12.05
CA LEU A 405 -18.99 10.35 -11.85
C LEU A 405 -18.19 11.54 -11.33
N SER A 406 -17.47 11.31 -10.24
CA SER A 406 -16.61 12.30 -9.60
C SER A 406 -15.49 11.57 -8.85
N HIS A 407 -14.42 12.28 -8.50
CA HIS A 407 -13.20 11.67 -7.99
C HIS A 407 -12.61 10.70 -9.03
N ASN A 408 -12.79 11.04 -10.30
CA ASN A 408 -12.27 10.29 -11.43
C ASN A 408 -11.86 11.34 -12.46
N GLU A 409 -10.76 11.12 -13.18
CA GLU A 409 -10.31 12.08 -14.17
C GLU A 409 -11.36 12.30 -15.26
N ALA A 410 -12.30 11.35 -15.44
CA ALA A 410 -13.27 11.42 -16.53
C ALA A 410 -14.49 12.29 -16.17
N GLU A 411 -14.53 12.87 -14.94
CA GLU A 411 -15.56 13.79 -14.48
C GLU A 411 -15.85 14.85 -15.56
N ASP A 412 -17.15 15.03 -15.90
CA ASP A 412 -17.58 15.78 -17.07
C ASP A 412 -18.84 16.64 -16.81
N ILE A 413 -18.76 17.92 -17.22
CA ILE A 413 -19.90 18.82 -17.38
C ILE A 413 -19.75 19.59 -18.69
N SER A 414 -20.86 20.15 -19.18
CA SER A 414 -20.88 20.94 -20.39
C SER A 414 -20.80 22.43 -20.05
N ARG A 415 -20.35 23.22 -21.03
CA ARG A 415 -20.33 24.67 -20.94
C ARG A 415 -21.68 25.17 -20.40
N GLU A 416 -22.77 24.57 -20.92
CA GLU A 416 -24.15 24.99 -20.67
C GLU A 416 -24.55 24.70 -19.23
N TRP A 417 -24.15 23.55 -18.67
CA TRP A 417 -24.50 23.20 -17.29
C TRP A 417 -23.80 24.13 -16.30
N ALA A 418 -22.51 24.35 -16.49
CA ALA A 418 -21.70 25.19 -15.62
C ALA A 418 -22.29 26.60 -15.56
N ALA A 419 -22.58 27.19 -16.73
CA ALA A 419 -23.08 28.56 -16.82
C ALA A 419 -24.46 28.72 -16.17
N ALA A 420 -25.37 27.77 -16.36
CA ALA A 420 -26.70 27.83 -15.76
C ALA A 420 -26.63 28.02 -14.25
N GLY A 421 -25.86 27.15 -13.57
CA GLY A 421 -25.77 27.24 -12.13
C GLY A 421 -25.03 28.49 -11.67
N ALA A 422 -24.10 29.00 -12.48
CA ALA A 422 -23.39 30.23 -12.13
C ALA A 422 -24.35 31.41 -12.16
N ASP A 423 -25.22 31.44 -13.19
CA ASP A 423 -26.29 32.41 -13.32
C ASP A 423 -27.14 32.40 -12.06
N VAL A 424 -27.48 31.20 -11.54
CA VAL A 424 -28.31 31.07 -10.34
C VAL A 424 -27.55 31.61 -9.13
N LEU A 425 -26.24 31.30 -9.07
CA LEU A 425 -25.38 31.79 -8.00
C LEU A 425 -25.34 33.32 -8.00
N PHE A 426 -25.12 33.91 -9.18
CA PHE A 426 -25.07 35.36 -9.36
C PHE A 426 -26.28 36.02 -8.74
N HIS A 427 -27.47 35.53 -9.10
CA HIS A 427 -28.73 36.17 -8.75
C HIS A 427 -29.05 35.95 -7.26
N ALA A 428 -28.73 34.75 -6.78
CA ALA A 428 -28.98 34.46 -5.38
C ALA A 428 -28.11 35.36 -4.49
N VAL A 429 -26.86 35.54 -4.91
CA VAL A 429 -25.92 36.39 -4.17
C VAL A 429 -26.37 37.84 -4.19
N LEU A 430 -26.85 38.33 -5.34
CA LEU A 430 -27.28 39.72 -5.46
C LEU A 430 -28.50 40.01 -4.59
N GLU A 431 -29.48 39.09 -4.60
CA GLU A 431 -30.63 39.20 -3.71
C GLU A 431 -30.15 39.29 -2.25
N THR A 432 -29.19 38.46 -1.86
CA THR A 432 -28.76 38.39 -0.47
C THR A 432 -27.84 39.56 -0.09
N ALA A 433 -26.98 40.00 -1.02
CA ALA A 433 -26.07 41.11 -0.79
C ALA A 433 -26.74 42.47 -0.99
N GLU A 434 -27.84 42.51 -1.78
CA GLU A 434 -28.71 43.66 -1.96
C GLU A 434 -28.11 44.67 -2.93
N ILE A 435 -28.70 44.82 -4.13
CA ILE A 435 -28.26 45.80 -5.13
C ILE A 435 -28.59 47.24 -4.70
N VAL A 436 -27.76 48.22 -5.09
CA VAL A 436 -28.11 49.64 -4.97
C VAL A 436 -27.87 50.34 -6.32
N GLU B 27 33.82 -37.49 14.59
CA GLU B 27 33.04 -37.90 15.81
C GLU B 27 33.59 -37.21 17.06
N ASN B 28 34.91 -37.04 17.14
CA ASN B 28 35.53 -36.13 18.08
C ASN B 28 35.58 -34.73 17.47
N ARG B 29 35.68 -34.66 16.13
CA ARG B 29 35.88 -33.41 15.41
C ARG B 29 34.56 -32.64 15.30
N ARG B 30 34.54 -31.48 15.97
CA ARG B 30 33.41 -30.58 16.05
C ARG B 30 33.83 -29.18 15.58
N VAL B 31 32.86 -28.38 15.11
CA VAL B 31 33.15 -27.00 14.74
C VAL B 31 33.27 -26.16 16.01
N ASN B 32 33.82 -24.95 15.88
CA ASN B 32 33.95 -24.02 17.00
C ASN B 32 32.65 -23.23 17.10
N ALA B 33 31.86 -23.54 18.14
CA ALA B 33 30.53 -23.00 18.36
C ALA B 33 30.58 -21.50 18.66
N ASP B 34 31.58 -21.06 19.45
CA ASP B 34 31.70 -19.66 19.83
C ASP B 34 32.13 -18.83 18.62
N ARG B 35 32.99 -19.39 17.76
CA ARG B 35 33.45 -18.70 16.57
C ARG B 35 32.31 -18.56 15.55
N LEU B 36 31.50 -19.60 15.38
CA LEU B 36 30.35 -19.54 14.48
C LEU B 36 29.39 -18.47 14.99
N TRP B 37 29.06 -18.60 16.27
CA TRP B 37 28.08 -17.73 16.89
C TRP B 37 28.53 -16.28 16.80
N ASP B 38 29.81 -16.02 17.09
CA ASP B 38 30.33 -14.66 17.06
C ASP B 38 30.24 -14.10 15.65
N SER B 39 30.42 -14.94 14.60
CA SER B 39 30.32 -14.47 13.22
C SER B 39 28.87 -14.11 12.85
N LEU B 40 27.91 -14.79 13.48
CA LEU B 40 26.50 -14.49 13.31
C LEU B 40 26.14 -13.16 13.98
N MET B 41 26.73 -12.87 15.15
CA MET B 41 26.37 -11.66 15.90
C MET B 41 27.01 -10.43 15.25
N GLU B 42 28.17 -10.64 14.59
CA GLU B 42 28.87 -9.60 13.83
C GLU B 42 28.09 -9.25 12.57
N MET B 43 27.60 -10.24 11.82
CA MET B 43 26.86 -9.97 10.57
C MET B 43 25.50 -9.37 10.90
N ALA B 44 24.96 -9.68 12.07
CA ALA B 44 23.67 -9.15 12.47
C ALA B 44 23.74 -7.64 12.64
N LYS B 45 24.94 -7.10 12.87
CA LYS B 45 25.10 -5.67 13.08
C LYS B 45 25.10 -4.89 11.76
N ILE B 46 25.16 -5.60 10.63
CA ILE B 46 25.11 -4.98 9.32
C ILE B 46 23.67 -5.02 8.77
N GLY B 47 23.13 -3.79 8.60
CA GLY B 47 21.76 -3.59 8.17
C GLY B 47 20.77 -4.02 9.25
N PRO B 48 20.81 -3.37 10.44
CA PRO B 48 19.92 -3.75 11.55
C PRO B 48 18.45 -3.47 11.21
N GLY B 49 17.56 -4.26 11.79
CA GLY B 49 16.15 -3.92 11.79
C GLY B 49 15.82 -3.00 12.95
N VAL B 50 14.55 -2.96 13.34
CA VAL B 50 14.07 -2.02 14.33
C VAL B 50 13.75 -2.78 15.63
N ALA B 51 14.07 -4.09 15.68
CA ALA B 51 13.74 -4.96 16.82
C ALA B 51 14.74 -6.11 16.93
N GLY B 52 16.03 -5.82 16.63
CA GLY B 52 17.11 -6.76 16.88
C GLY B 52 17.21 -7.87 15.83
N GLY B 53 16.44 -7.76 14.74
CA GLY B 53 16.69 -8.57 13.55
C GLY B 53 17.49 -7.78 12.51
N ASN B 54 17.16 -7.98 11.24
CA ASN B 54 17.89 -7.38 10.12
C ASN B 54 16.95 -6.93 9.03
N ASN B 55 17.27 -5.77 8.45
CA ASN B 55 16.68 -5.29 7.21
C ASN B 55 17.84 -5.08 6.24
N ARG B 56 18.38 -6.17 5.72
CA ARG B 56 19.54 -6.15 4.83
C ARG B 56 19.12 -6.79 3.51
N GLN B 57 18.31 -6.08 2.75
CA GLN B 57 17.75 -6.65 1.54
C GLN B 57 18.77 -6.59 0.41
N THR B 58 18.47 -7.36 -0.64
CA THR B 58 19.35 -7.58 -1.76
C THR B 58 19.66 -6.24 -2.45
N LEU B 59 20.96 -6.06 -2.75
CA LEU B 59 21.48 -4.99 -3.59
C LEU B 59 21.29 -3.60 -2.97
N THR B 60 21.09 -3.55 -1.66
CA THR B 60 21.19 -2.31 -0.90
C THR B 60 22.67 -2.09 -0.55
N ASP B 61 22.99 -0.94 0.05
CA ASP B 61 24.32 -0.69 0.57
C ASP B 61 24.66 -1.66 1.71
N ALA B 62 23.71 -1.91 2.62
CA ALA B 62 23.90 -2.87 3.71
C ALA B 62 24.29 -4.27 3.20
N ASP B 63 23.70 -4.72 2.09
CA ASP B 63 24.05 -5.99 1.48
C ASP B 63 25.46 -5.95 0.94
N GLY B 64 25.85 -4.86 0.25
CA GLY B 64 27.23 -4.61 -0.14
C GLY B 64 28.21 -4.76 1.02
N GLU B 65 27.90 -4.14 2.15
CA GLU B 65 28.72 -4.22 3.35
C GLU B 65 28.78 -5.65 3.88
N GLY B 66 27.64 -6.39 3.84
CA GLY B 66 27.58 -7.76 4.33
C GLY B 66 28.42 -8.71 3.47
N ARG B 67 28.28 -8.56 2.14
CA ARG B 67 29.10 -9.30 1.18
C ARG B 67 30.59 -9.04 1.38
N ARG B 68 30.99 -7.77 1.60
CA ARG B 68 32.39 -7.43 1.80
C ARG B 68 32.93 -8.05 3.10
N LEU B 69 32.14 -8.05 4.18
CA LEU B 69 32.60 -8.62 5.44
C LEU B 69 32.81 -10.13 5.28
N PHE B 70 31.86 -10.79 4.61
CA PHE B 70 31.96 -12.21 4.31
C PHE B 70 33.14 -12.50 3.40
N GLN B 71 33.29 -11.70 2.35
CA GLN B 71 34.46 -11.81 1.49
C GLN B 71 35.75 -11.76 2.30
N SER B 72 35.91 -10.78 3.21
CA SER B 72 37.19 -10.65 3.90
C SER B 72 37.44 -11.84 4.86
N TRP B 73 36.42 -12.33 5.57
CA TRP B 73 36.57 -13.51 6.41
C TRP B 73 37.05 -14.75 5.64
N CYS B 74 36.46 -14.95 4.47
CA CYS B 74 36.80 -16.07 3.58
C CYS B 74 38.23 -16.03 3.08
N GLU B 75 38.73 -14.83 2.71
CA GLU B 75 40.08 -14.68 2.19
C GLU B 75 41.10 -14.86 3.31
N GLU B 76 40.81 -14.38 4.52
CA GLU B 76 41.60 -14.70 5.70
C GLU B 76 41.68 -16.22 5.93
N ALA B 77 40.67 -16.99 5.47
CA ALA B 77 40.69 -18.43 5.60
C ALA B 77 41.33 -19.11 4.40
N GLY B 78 41.89 -18.35 3.45
CA GLY B 78 42.62 -18.88 2.30
C GLY B 78 41.75 -19.32 1.12
N LEU B 79 40.46 -18.95 1.12
CA LEU B 79 39.55 -19.26 0.02
C LEU B 79 39.72 -18.23 -1.09
N SER B 80 39.54 -18.65 -2.36
CA SER B 80 39.60 -17.70 -3.46
C SER B 80 38.23 -17.54 -4.11
N MET B 81 37.98 -16.29 -4.52
CA MET B 81 36.66 -15.83 -4.89
C MET B 81 36.51 -15.75 -6.40
N GLY B 82 35.38 -16.26 -6.87
CA GLY B 82 34.81 -15.91 -8.16
C GLY B 82 33.39 -15.38 -7.97
N VAL B 83 32.99 -14.46 -8.87
CA VAL B 83 31.68 -13.83 -8.85
C VAL B 83 31.06 -13.97 -10.24
N ASP B 84 29.80 -14.40 -10.30
CA ASP B 84 29.11 -14.51 -11.58
C ASP B 84 28.37 -13.19 -11.84
N LYS B 85 27.70 -13.16 -13.00
CA LYS B 85 27.02 -11.96 -13.46
C LYS B 85 25.71 -11.71 -12.71
N MET B 86 25.30 -12.62 -11.81
CA MET B 86 24.15 -12.41 -10.95
C MET B 86 24.60 -12.00 -9.54
N GLY B 87 25.92 -11.86 -9.33
CA GLY B 87 26.50 -11.42 -8.08
C GLY B 87 26.76 -12.55 -7.08
N THR B 88 26.38 -13.78 -7.45
CA THR B 88 26.64 -14.95 -6.62
C THR B 88 28.16 -15.09 -6.44
N MET B 89 28.53 -15.26 -5.18
CA MET B 89 29.91 -15.35 -4.73
C MET B 89 30.23 -16.83 -4.49
N PHE B 90 31.32 -17.30 -5.10
CA PHE B 90 31.85 -18.64 -4.93
C PHE B 90 33.22 -18.56 -4.33
N LEU B 91 33.34 -19.05 -3.08
CA LEU B 91 34.61 -19.07 -2.37
C LEU B 91 35.18 -20.49 -2.32
N THR B 92 36.34 -20.73 -2.91
CA THR B 92 36.83 -22.07 -3.21
C THR B 92 38.03 -22.44 -2.34
N ARG B 93 37.95 -23.66 -1.82
CA ARG B 93 39.06 -24.37 -1.16
C ARG B 93 39.48 -25.58 -2.00
N PRO B 94 40.75 -25.70 -2.43
CA PRO B 94 41.14 -26.75 -3.39
C PRO B 94 41.08 -28.16 -2.81
N GLY B 95 40.84 -29.15 -3.69
CA GLY B 95 41.00 -30.55 -3.37
C GLY B 95 42.28 -31.12 -3.98
N THR B 96 42.58 -32.39 -3.73
CA THR B 96 43.82 -33.01 -4.14
C THR B 96 43.66 -33.79 -5.44
N ASP B 97 42.44 -34.17 -5.81
CA ASP B 97 42.17 -34.73 -7.12
C ASP B 97 41.98 -33.57 -8.11
N PRO B 98 42.81 -33.50 -9.19
CA PRO B 98 42.68 -32.45 -10.20
C PRO B 98 41.44 -32.55 -11.08
N ASP B 99 40.85 -33.75 -11.18
CA ASP B 99 39.70 -34.01 -12.06
C ASP B 99 38.35 -33.77 -11.37
N ALA B 100 38.34 -33.66 -10.02
CA ALA B 100 37.13 -33.80 -9.23
C ALA B 100 36.37 -32.47 -9.14
N LEU B 101 35.04 -32.55 -9.34
CA LEU B 101 34.15 -31.41 -9.31
C LEU B 101 33.90 -31.01 -7.85
N PRO B 102 33.56 -29.73 -7.55
CA PRO B 102 33.41 -29.29 -6.17
C PRO B 102 32.10 -29.68 -5.50
N VAL B 103 32.20 -29.87 -4.18
CA VAL B 103 31.07 -29.92 -3.26
C VAL B 103 30.85 -28.48 -2.80
N HIS B 104 29.65 -27.92 -3.08
CA HIS B 104 29.27 -26.58 -2.67
C HIS B 104 28.47 -26.62 -1.37
N ILE B 105 28.74 -25.64 -0.50
CA ILE B 105 27.90 -25.34 0.64
C ILE B 105 27.26 -23.97 0.41
N GLY B 106 25.93 -23.91 0.35
CA GLY B 106 25.23 -22.71 -0.12
C GLY B 106 24.16 -22.19 0.84
N SER B 107 23.97 -20.87 0.82
CA SER B 107 22.76 -20.19 1.26
C SER B 107 22.78 -18.72 0.79
N HIS B 108 22.16 -17.81 1.53
CA HIS B 108 22.02 -16.42 1.14
C HIS B 108 22.33 -15.51 2.33
N LEU B 109 22.93 -14.35 2.08
CA LEU B 109 23.07 -13.33 3.12
C LEU B 109 21.97 -12.27 3.04
N ASP B 110 21.20 -12.18 1.94
CA ASP B 110 20.15 -11.16 1.83
C ASP B 110 18.95 -11.57 2.68
N THR B 111 18.24 -10.55 3.22
CA THR B 111 17.15 -10.77 4.17
C THR B 111 15.85 -10.12 3.69
N GLN B 112 14.77 -10.48 4.42
CA GLN B 112 13.48 -9.79 4.37
C GLN B 112 13.63 -8.44 5.06
N PRO B 113 12.70 -7.49 4.83
CA PRO B 113 12.64 -6.25 5.60
C PRO B 113 12.50 -6.43 7.10
N THR B 114 11.76 -7.48 7.51
CA THR B 114 11.60 -7.89 8.91
C THR B 114 12.35 -9.21 9.11
N GLY B 115 13.64 -9.20 8.74
CA GLY B 115 14.40 -10.42 8.79
C GLY B 115 14.84 -10.79 10.20
N GLY B 116 14.98 -12.11 10.41
CA GLY B 116 15.76 -12.64 11.52
C GLY B 116 17.24 -12.65 11.18
N LYS B 117 18.07 -12.88 12.22
CA LYS B 117 19.52 -12.99 12.14
C LYS B 117 20.00 -14.31 11.54
N PHE B 118 19.11 -15.25 11.23
CA PHE B 118 19.52 -16.64 10.99
C PHE B 118 19.08 -17.18 9.63
N ASP B 119 17.96 -16.68 9.07
CA ASP B 119 17.50 -17.11 7.75
C ASP B 119 18.57 -16.71 6.75
N GLY B 120 19.09 -17.74 6.04
CA GLY B 120 20.13 -17.59 5.04
C GLY B 120 21.52 -17.55 5.66
N VAL B 121 21.75 -16.60 6.58
CA VAL B 121 23.06 -16.34 7.18
C VAL B 121 23.63 -17.61 7.80
N LEU B 122 22.81 -18.37 8.52
CA LEU B 122 23.30 -19.56 9.20
C LEU B 122 24.05 -20.48 8.23
N GLY B 123 23.48 -20.68 7.03
CA GLY B 123 24.06 -21.64 6.09
C GLY B 123 25.38 -21.13 5.49
N VAL B 124 25.45 -19.83 5.22
CA VAL B 124 26.63 -19.27 4.59
C VAL B 124 27.78 -19.27 5.59
N LEU B 125 27.52 -18.89 6.86
CA LEU B 125 28.60 -18.72 7.82
C LEU B 125 28.98 -20.05 8.47
N SER B 126 28.09 -21.05 8.37
CA SER B 126 28.40 -22.42 8.75
C SER B 126 29.36 -23.04 7.74
N GLY B 127 29.15 -22.73 6.46
CA GLY B 127 30.13 -23.05 5.42
C GLY B 127 31.50 -22.49 5.71
N LEU B 128 31.56 -21.22 6.13
CA LEU B 128 32.82 -20.62 6.53
C LEU B 128 33.41 -21.34 7.75
N GLU B 129 32.57 -21.61 8.75
CA GLU B 129 33.04 -22.29 9.96
C GLU B 129 33.58 -23.69 9.66
N ALA B 130 32.97 -24.39 8.70
CA ALA B 130 33.42 -25.73 8.32
C ALA B 130 34.79 -25.64 7.67
N VAL B 131 34.99 -24.64 6.82
CA VAL B 131 36.29 -24.42 6.22
C VAL B 131 37.30 -24.10 7.32
N ARG B 132 36.96 -23.23 8.28
CA ARG B 132 37.94 -22.84 9.29
C ARG B 132 38.35 -24.06 10.09
N THR B 133 37.39 -24.97 10.37
CA THR B 133 37.64 -26.17 11.16
C THR B 133 38.53 -27.15 10.39
N MET B 134 38.36 -27.28 9.06
CA MET B 134 39.24 -28.09 8.23
C MET B 134 40.68 -27.58 8.28
N ASN B 135 40.83 -26.24 8.21
CA ASN B 135 42.12 -25.60 8.35
C ASN B 135 42.69 -25.90 9.74
N ASP B 136 41.87 -25.82 10.80
CA ASP B 136 42.34 -26.03 12.17
C ASP B 136 42.87 -27.46 12.38
N LEU B 137 42.29 -28.42 11.66
CA LEU B 137 42.66 -29.83 11.73
C LEU B 137 43.56 -30.24 10.56
N GLY B 138 44.01 -29.30 9.71
CA GLY B 138 44.81 -29.60 8.53
C GLY B 138 44.23 -30.70 7.64
N ILE B 139 42.93 -30.72 7.41
CA ILE B 139 42.31 -31.76 6.59
C ILE B 139 42.38 -31.40 5.11
N LYS B 140 42.75 -32.37 4.27
CA LYS B 140 42.67 -32.18 2.83
C LYS B 140 41.55 -33.09 2.31
N THR B 141 40.95 -32.70 1.20
CA THR B 141 39.86 -33.46 0.61
C THR B 141 40.25 -33.79 -0.83
N LYS B 142 39.62 -34.83 -1.37
CA LYS B 142 39.74 -35.17 -2.78
C LYS B 142 39.06 -34.08 -3.60
N HIS B 143 37.80 -33.77 -3.26
CA HIS B 143 37.00 -32.84 -4.03
C HIS B 143 37.20 -31.44 -3.46
N PRO B 144 37.26 -30.37 -4.29
CA PRO B 144 37.35 -29.02 -3.75
C PRO B 144 36.05 -28.70 -3.01
N ILE B 145 36.08 -27.69 -2.12
CA ILE B 145 34.91 -27.22 -1.39
C ILE B 145 34.62 -25.75 -1.73
N VAL B 146 33.37 -25.43 -2.07
CA VAL B 146 33.04 -24.08 -2.54
C VAL B 146 31.89 -23.52 -1.72
N VAL B 147 32.19 -22.50 -0.91
CA VAL B 147 31.15 -21.85 -0.13
C VAL B 147 30.45 -20.82 -1.01
N THR B 148 29.12 -20.85 -1.06
CA THR B 148 28.34 -20.15 -2.06
C THR B 148 27.35 -19.20 -1.37
N ASN B 149 27.35 -17.94 -1.81
CA ASN B 149 26.33 -16.96 -1.40
C ASN B 149 25.54 -16.47 -2.63
N TRP B 150 24.26 -16.88 -2.69
CA TRP B 150 23.40 -16.57 -3.82
C TRP B 150 22.73 -15.21 -3.66
N THR B 151 22.58 -14.49 -4.77
CA THR B 151 21.94 -13.18 -4.82
C THR B 151 20.41 -13.36 -4.88
N ASN B 152 19.69 -12.53 -4.12
CA ASN B 152 18.24 -12.36 -4.10
C ASN B 152 17.54 -13.70 -3.94
N GLU B 153 17.81 -14.33 -2.81
CA GLU B 153 17.07 -15.52 -2.47
C GLU B 153 15.64 -15.14 -2.11
N GLU B 154 15.50 -14.08 -1.31
CA GLU B 154 14.28 -13.85 -0.52
C GLU B 154 13.11 -13.45 -1.42
N GLY B 155 13.39 -12.76 -2.53
CA GLY B 155 12.36 -12.26 -3.42
C GLY B 155 11.44 -11.22 -2.78
N ALA B 156 11.96 -10.48 -1.79
CA ALA B 156 11.23 -9.45 -1.07
C ALA B 156 11.27 -8.13 -1.84
N ARG B 157 12.44 -7.78 -2.40
CA ARG B 157 12.62 -6.49 -3.06
C ARG B 157 12.33 -6.64 -4.56
N PHE B 158 12.89 -7.67 -5.17
CA PHE B 158 12.58 -8.07 -6.54
C PHE B 158 12.04 -9.50 -6.55
N ALA B 159 10.88 -9.70 -7.19
CA ALA B 159 10.32 -11.01 -7.51
C ALA B 159 10.78 -11.47 -8.89
N PRO B 160 10.89 -12.80 -9.13
CA PRO B 160 10.79 -13.84 -8.08
C PRO B 160 11.92 -14.06 -7.08
N ALA B 161 11.59 -14.87 -6.08
CA ALA B 161 12.56 -15.40 -5.14
C ALA B 161 13.56 -16.32 -5.85
N MET B 162 14.70 -16.62 -5.20
CA MET B 162 15.68 -17.58 -5.68
C MET B 162 16.06 -17.22 -7.13
N LEU B 163 16.21 -15.93 -7.40
CA LEU B 163 16.42 -15.42 -8.75
C LEU B 163 17.77 -15.87 -9.31
N ALA B 164 18.86 -15.66 -8.55
CA ALA B 164 20.20 -15.98 -9.03
C ALA B 164 20.38 -17.48 -9.22
N SER B 165 19.92 -18.28 -8.24
CA SER B 165 20.06 -19.72 -8.36
C SER B 165 19.19 -20.23 -9.52
N GLY B 166 18.09 -19.53 -9.81
CA GLY B 166 17.19 -19.86 -10.92
C GLY B 166 17.84 -19.65 -12.28
N VAL B 167 18.57 -18.51 -12.39
CA VAL B 167 19.40 -18.25 -13.56
C VAL B 167 20.42 -19.37 -13.69
N PHE B 168 21.06 -19.73 -12.56
CA PHE B 168 22.09 -20.75 -12.52
C PHE B 168 21.57 -22.07 -13.08
N ALA B 169 20.35 -22.46 -12.70
CA ALA B 169 19.78 -23.73 -13.11
C ALA B 169 19.11 -23.61 -14.49
N GLY B 170 19.07 -22.40 -15.08
CA GLY B 170 18.53 -22.22 -16.43
C GLY B 170 17.01 -22.03 -16.48
N VAL B 171 16.39 -21.69 -15.34
CA VAL B 171 14.96 -21.48 -15.25
C VAL B 171 14.62 -20.07 -15.76
N HIS B 172 15.50 -19.09 -15.51
CA HIS B 172 15.31 -17.70 -15.93
C HIS B 172 16.53 -17.26 -16.75
N THR B 173 16.31 -16.39 -17.76
CA THR B 173 17.41 -15.74 -18.47
C THR B 173 18.04 -14.65 -17.60
N LEU B 174 19.27 -14.26 -17.96
CA LEU B 174 19.97 -13.19 -17.30
C LEU B 174 19.19 -11.88 -17.51
N GLU B 175 18.67 -11.67 -18.72
CA GLU B 175 18.00 -10.43 -19.08
C GLU B 175 16.74 -10.24 -18.24
N TYR B 176 15.95 -11.32 -18.13
CA TYR B 176 14.72 -11.31 -17.35
C TYR B 176 15.05 -10.91 -15.91
N ALA B 177 16.11 -11.51 -15.33
CA ALA B 177 16.58 -11.19 -13.99
C ALA B 177 16.96 -9.70 -13.86
N TYR B 178 17.69 -9.16 -14.84
CA TYR B 178 18.16 -7.78 -14.78
C TYR B 178 17.01 -6.76 -14.84
N ALA B 179 15.91 -7.15 -15.48
CA ALA B 179 14.78 -6.25 -15.69
C ALA B 179 13.74 -6.31 -14.55
N ARG B 180 13.92 -7.16 -13.53
CA ARG B 180 13.06 -7.11 -12.36
C ARG B 180 13.18 -5.74 -11.69
N LYS B 181 12.03 -5.19 -11.27
CA LYS B 181 11.92 -3.88 -10.66
C LYS B 181 11.48 -3.98 -9.20
N ASP B 182 12.04 -3.12 -8.34
CA ASP B 182 11.53 -3.00 -6.98
C ASP B 182 10.39 -2.01 -7.00
N PRO B 183 9.68 -1.79 -5.85
CA PRO B 183 8.50 -0.94 -5.83
C PRO B 183 8.77 0.54 -6.13
N GLU B 184 10.03 0.98 -6.12
CA GLU B 184 10.35 2.35 -6.48
C GLU B 184 10.84 2.47 -7.93
N GLY B 185 10.89 1.35 -8.65
CA GLY B 185 11.16 1.38 -10.08
C GLY B 185 12.63 1.18 -10.46
N LYS B 186 13.47 0.85 -9.47
CA LYS B 186 14.86 0.50 -9.77
C LYS B 186 14.92 -0.92 -10.32
N SER B 187 15.82 -1.15 -11.29
CA SER B 187 16.00 -2.48 -11.86
C SER B 187 17.14 -3.24 -11.15
N PHE B 188 16.99 -4.58 -11.10
CA PHE B 188 17.97 -5.47 -10.48
C PHE B 188 19.36 -5.25 -11.06
N GLY B 189 19.46 -5.27 -12.40
CA GLY B 189 20.69 -5.09 -13.15
C GLY B 189 21.50 -3.88 -12.67
N ASP B 190 20.88 -2.70 -12.68
CA ASP B 190 21.51 -1.45 -12.26
C ASP B 190 21.97 -1.49 -10.79
N GLU B 191 21.15 -2.07 -9.90
CA GLU B 191 21.48 -2.09 -8.49
C GLU B 191 22.68 -3.01 -8.19
N LEU B 192 22.75 -4.15 -8.87
CA LEU B 192 23.88 -5.06 -8.80
C LEU B 192 25.16 -4.29 -9.15
N LYS B 193 25.09 -3.50 -10.24
CA LYS B 193 26.26 -2.77 -10.72
C LYS B 193 26.64 -1.73 -9.69
N ARG B 194 25.66 -1.04 -9.12
CA ARG B 194 25.91 0.09 -8.22
C ARG B 194 26.73 -0.37 -7.00
N ILE B 195 26.29 -1.42 -6.30
CA ILE B 195 26.96 -1.85 -5.07
C ILE B 195 28.27 -2.61 -5.36
N GLY B 196 28.54 -2.90 -6.65
CA GLY B 196 29.84 -3.37 -7.09
C GLY B 196 30.00 -4.89 -7.09
N TRP B 197 28.92 -5.65 -7.38
CA TRP B 197 28.95 -7.12 -7.31
C TRP B 197 28.58 -7.75 -8.64
N LEU B 198 28.69 -7.03 -9.74
CA LEU B 198 28.58 -7.63 -11.06
C LEU B 198 29.90 -8.34 -11.38
N GLY B 199 29.89 -9.68 -11.35
CA GLY B 199 31.10 -10.43 -11.67
C GLY B 199 31.20 -10.76 -13.16
N ASP B 200 32.21 -11.55 -13.51
CA ASP B 200 32.57 -11.75 -14.90
C ASP B 200 32.20 -13.16 -15.36
N GLU B 201 31.95 -14.09 -14.41
CA GLU B 201 31.69 -15.49 -14.75
C GLU B 201 30.28 -15.68 -15.35
N GLU B 202 30.17 -16.57 -16.36
CA GLU B 202 28.89 -16.96 -16.92
C GLU B 202 28.04 -17.62 -15.83
N VAL B 203 26.75 -17.28 -15.77
CA VAL B 203 25.88 -17.84 -14.74
C VAL B 203 25.58 -19.29 -15.09
N GLY B 204 25.93 -20.20 -14.16
CA GLY B 204 25.63 -21.61 -14.30
C GLY B 204 26.69 -22.39 -15.09
N ALA B 205 27.83 -21.75 -15.38
CA ALA B 205 28.97 -22.39 -16.02
C ALA B 205 29.64 -23.43 -15.12
N ARG B 206 29.62 -23.22 -13.79
CA ARG B 206 30.14 -24.18 -12.81
C ARG B 206 29.29 -25.45 -12.73
N LYS B 207 29.98 -26.61 -12.77
CA LYS B 207 29.41 -27.91 -12.52
C LYS B 207 29.74 -28.34 -11.08
N MET B 208 28.74 -28.85 -10.37
CA MET B 208 28.88 -29.24 -8.98
C MET B 208 28.85 -30.76 -8.88
N HIS B 209 29.64 -31.33 -7.97
CA HIS B 209 29.51 -32.73 -7.63
C HIS B 209 28.31 -32.92 -6.70
N ALA B 210 28.16 -32.01 -5.72
CA ALA B 210 27.03 -32.07 -4.81
C ALA B 210 26.83 -30.71 -4.14
N TYR B 211 25.62 -30.44 -3.66
CA TYR B 211 25.32 -29.16 -3.08
C TYR B 211 24.62 -29.41 -1.75
N PHE B 212 25.09 -28.73 -0.67
CA PHE B 212 24.47 -28.85 0.65
C PHE B 212 24.06 -27.48 1.15
N GLU B 213 22.86 -27.39 1.75
CA GLU B 213 22.34 -26.18 2.35
C GLU B 213 21.89 -26.49 3.79
N TYR B 214 22.52 -25.84 4.77
CA TYR B 214 22.09 -25.82 6.15
C TYR B 214 21.26 -24.56 6.34
N HIS B 215 20.08 -24.74 6.94
CA HIS B 215 19.09 -23.69 7.10
C HIS B 215 18.25 -23.99 8.35
N ILE B 216 17.81 -22.94 9.06
CA ILE B 216 16.81 -23.07 10.12
C ILE B 216 15.54 -23.65 9.49
N GLU B 217 14.72 -24.30 10.33
CA GLU B 217 13.55 -25.02 9.85
C GLU B 217 12.49 -24.05 9.36
N GLN B 218 12.31 -22.92 10.09
CA GLN B 218 11.22 -21.98 9.83
C GLN B 218 9.87 -22.68 10.06
N GLY B 219 9.86 -23.74 10.88
CA GLY B 219 8.65 -24.47 11.24
C GLY B 219 8.80 -24.96 12.67
N PRO B 220 7.70 -25.38 13.33
CA PRO B 220 7.76 -25.70 14.76
C PRO B 220 8.13 -27.13 15.17
N ILE B 221 8.42 -28.00 14.19
CA ILE B 221 8.31 -29.46 14.36
C ILE B 221 9.50 -29.98 15.18
N LEU B 222 10.72 -29.54 14.85
CA LEU B 222 11.91 -30.06 15.49
C LEU B 222 11.91 -29.67 16.97
N GLU B 223 11.48 -28.46 17.26
CA GLU B 223 11.43 -28.01 18.63
C GLU B 223 10.36 -28.83 19.36
N ALA B 224 9.18 -29.02 18.73
CA ALA B 224 8.06 -29.70 19.38
C ALA B 224 8.35 -31.18 19.59
N GLU B 225 9.12 -31.82 18.71
CA GLU B 225 9.43 -33.24 18.80
C GLU B 225 10.76 -33.46 19.52
N ASN B 226 11.42 -32.37 19.96
CA ASN B 226 12.64 -32.49 20.75
C ASN B 226 13.73 -33.17 19.92
N LYS B 227 13.84 -32.79 18.64
CA LYS B 227 14.88 -33.28 17.73
C LYS B 227 15.86 -32.15 17.38
N GLN B 228 17.15 -32.50 17.29
CA GLN B 228 18.20 -31.52 17.07
C GLN B 228 18.43 -31.28 15.58
N ILE B 229 18.28 -32.32 14.77
CA ILE B 229 18.57 -32.23 13.35
C ILE B 229 17.36 -32.69 12.53
N GLY B 230 17.10 -31.90 11.49
CA GLY B 230 16.11 -32.19 10.48
C GLY B 230 16.80 -32.71 9.23
N VAL B 231 16.43 -33.95 8.88
CA VAL B 231 16.98 -34.61 7.71
C VAL B 231 16.01 -34.34 6.56
N VAL B 232 16.36 -33.36 5.69
CA VAL B 232 15.39 -32.86 4.72
C VAL B 232 15.34 -33.77 3.49
N THR B 233 14.14 -34.33 3.23
CA THR B 233 13.90 -35.31 2.18
C THR B 233 13.29 -34.65 0.95
N HIS B 234 12.45 -33.64 1.18
CA HIS B 234 11.69 -32.99 0.13
C HIS B 234 11.52 -31.51 0.46
N CYS B 235 11.23 -30.75 -0.59
CA CYS B 235 10.81 -29.37 -0.48
C CYS B 235 9.40 -29.22 -1.03
N GLN B 236 8.53 -28.56 -0.29
CA GLN B 236 7.22 -28.21 -0.80
C GLN B 236 7.40 -27.12 -1.86
N GLY B 237 6.62 -27.22 -2.93
CA GLY B 237 6.62 -26.26 -4.02
C GLY B 237 5.49 -25.25 -3.89
N GLY B 238 5.47 -24.24 -4.76
CA GLY B 238 4.61 -23.08 -4.54
C GLY B 238 4.39 -22.27 -5.81
N TRP B 239 3.35 -21.44 -5.78
CA TRP B 239 3.11 -20.41 -6.78
C TRP B 239 2.99 -19.05 -6.11
N TRP B 240 3.53 -18.02 -6.75
CA TRP B 240 3.14 -16.63 -6.51
C TRP B 240 2.25 -16.18 -7.67
N LEU B 241 0.98 -15.93 -7.36
CA LEU B 241 0.06 -15.48 -8.39
C LEU B 241 -0.24 -14.01 -8.09
N GLU B 242 0.15 -13.13 -9.02
CA GLU B 242 -0.08 -11.71 -8.84
C GLU B 242 -1.37 -11.30 -9.54
N PHE B 243 -2.33 -10.84 -8.74
CA PHE B 243 -3.59 -10.35 -9.26
C PHE B 243 -3.54 -8.84 -9.43
N THR B 244 -4.02 -8.40 -10.58
CA THR B 244 -4.30 -6.99 -10.87
C THR B 244 -5.80 -6.86 -11.14
N LEU B 245 -6.50 -6.23 -10.19
CA LEU B 245 -7.93 -6.01 -10.30
C LEU B 245 -8.20 -4.55 -10.73
N THR B 246 -9.15 -4.41 -11.66
CA THR B 246 -9.50 -3.11 -12.25
C THR B 246 -10.90 -2.72 -11.77
N GLY B 247 -10.95 -1.63 -10.99
CA GLY B 247 -12.19 -0.96 -10.64
C GLY B 247 -12.35 0.36 -11.41
N ARG B 248 -13.35 1.13 -10.97
CA ARG B 248 -13.59 2.48 -11.45
C ARG B 248 -13.38 3.44 -10.29
N GLU B 249 -12.45 4.41 -10.41
CA GLU B 249 -12.31 5.42 -9.39
C GLU B 249 -13.62 6.18 -9.29
N ALA B 250 -14.11 6.36 -8.04
CA ALA B 250 -15.37 7.01 -7.81
C ALA B 250 -15.47 7.51 -6.37
N HIS B 251 -16.39 8.45 -6.18
CA HIS B 251 -16.54 9.12 -4.90
C HIS B 251 -17.21 8.18 -3.92
N THR B 252 -16.59 7.98 -2.75
CA THR B 252 -17.01 6.97 -1.79
C THR B 252 -18.22 7.43 -0.98
N GLY B 253 -18.62 8.69 -1.11
CA GLY B 253 -19.79 9.19 -0.38
C GLY B 253 -21.03 9.37 -1.27
N SER B 254 -20.83 9.66 -2.55
CA SER B 254 -21.91 10.13 -3.39
C SER B 254 -22.21 9.13 -4.49
N THR B 255 -21.38 8.09 -4.67
CA THR B 255 -21.70 7.01 -5.60
C THR B 255 -22.70 6.05 -4.93
N PRO B 256 -23.89 5.82 -5.51
CA PRO B 256 -24.80 4.80 -4.98
C PRO B 256 -24.19 3.40 -5.03
N MET B 257 -24.60 2.56 -4.09
CA MET B 257 -24.00 1.24 -3.92
C MET B 257 -24.16 0.43 -5.21
N ASP B 258 -25.31 0.53 -5.89
CA ASP B 258 -25.58 -0.24 -7.09
C ASP B 258 -24.82 0.32 -8.31
N MET B 259 -23.97 1.34 -8.13
CA MET B 259 -23.21 1.90 -9.25
C MET B 259 -21.69 1.77 -9.04
N ARG B 260 -21.27 1.32 -7.86
CA ARG B 260 -19.88 1.12 -7.56
C ARG B 260 -19.38 -0.15 -8.26
N VAL B 261 -18.15 -0.06 -8.80
CA VAL B 261 -17.29 -1.15 -9.26
C VAL B 261 -16.12 -1.23 -8.30
N ASN B 262 -16.24 -2.12 -7.30
CA ASN B 262 -15.43 -2.07 -6.09
C ASN B 262 -14.41 -3.20 -6.12
N ALA B 263 -13.20 -2.89 -6.62
CA ALA B 263 -12.11 -3.86 -6.73
C ALA B 263 -11.57 -4.24 -5.36
N GLY B 264 -11.79 -3.40 -4.35
CA GLY B 264 -11.38 -3.71 -2.99
C GLY B 264 -12.21 -4.84 -2.39
N LEU B 265 -13.53 -4.79 -2.61
CA LEU B 265 -14.42 -5.84 -2.16
C LEU B 265 -14.09 -7.14 -2.90
N ALA B 266 -13.78 -7.03 -4.20
CA ALA B 266 -13.41 -8.20 -4.98
C ALA B 266 -12.16 -8.87 -4.40
N MET B 267 -11.15 -8.07 -4.04
CA MET B 267 -9.94 -8.53 -3.39
C MET B 267 -10.29 -9.23 -2.06
N ALA B 268 -11.24 -8.68 -1.32
CA ALA B 268 -11.65 -9.19 -0.01
C ALA B 268 -12.23 -10.59 -0.15
N ARG B 269 -13.09 -10.77 -1.15
CA ARG B 269 -13.74 -12.05 -1.39
C ARG B 269 -12.72 -13.07 -1.91
N ILE B 270 -11.70 -12.61 -2.66
CA ILE B 270 -10.65 -13.49 -3.17
C ILE B 270 -9.79 -14.01 -2.02
N LEU B 271 -9.38 -13.14 -1.07
CA LEU B 271 -8.65 -13.60 0.09
C LEU B 271 -9.44 -14.63 0.88
N GLU B 272 -10.75 -14.43 1.02
CA GLU B 272 -11.55 -15.39 1.76
C GLU B 272 -11.60 -16.72 0.99
N MET B 273 -11.60 -16.67 -0.34
CA MET B 273 -11.71 -17.88 -1.14
C MET B 273 -10.41 -18.68 -1.03
N VAL B 274 -9.27 -17.99 -1.03
CA VAL B 274 -7.97 -18.59 -0.79
C VAL B 274 -7.89 -19.29 0.56
N GLN B 275 -8.38 -18.63 1.63
CA GLN B 275 -8.43 -19.25 2.94
C GLN B 275 -9.25 -20.55 2.86
N THR B 276 -10.37 -20.56 2.14
CA THR B 276 -11.18 -21.77 2.00
C THR B 276 -10.47 -22.88 1.21
N VAL B 277 -9.82 -22.51 0.09
CA VAL B 277 -9.11 -23.49 -0.72
C VAL B 277 -7.99 -24.13 0.10
N ALA B 278 -7.29 -23.34 0.90
CA ALA B 278 -6.21 -23.88 1.71
C ALA B 278 -6.77 -24.80 2.79
N MET B 279 -7.85 -24.39 3.44
CA MET B 279 -8.38 -25.14 4.57
C MET B 279 -8.99 -26.46 4.11
N GLU B 280 -9.55 -26.47 2.89
CA GLU B 280 -10.16 -27.67 2.30
C GLU B 280 -9.11 -28.62 1.73
N ASN B 281 -7.82 -28.27 1.81
CA ASN B 281 -6.76 -29.08 1.24
C ASN B 281 -5.78 -29.52 2.33
N GLN B 282 -6.18 -29.43 3.60
CA GLN B 282 -5.36 -29.87 4.72
C GLN B 282 -5.32 -31.40 4.78
N PRO B 283 -4.23 -32.02 5.28
CA PRO B 283 -3.00 -31.29 5.65
C PRO B 283 -2.06 -31.07 4.44
N GLY B 284 -1.01 -30.28 4.63
CA GLY B 284 -0.04 -30.05 3.57
C GLY B 284 -0.47 -29.01 2.51
N ALA B 285 -1.19 -27.94 2.92
CA ALA B 285 -1.44 -26.83 2.02
C ALA B 285 -1.46 -25.53 2.80
N VAL B 286 -0.86 -24.49 2.20
CA VAL B 286 -0.92 -23.14 2.74
C VAL B 286 -1.27 -22.17 1.61
N GLY B 287 -2.04 -21.15 1.98
CA GLY B 287 -2.41 -20.07 1.09
C GLY B 287 -2.52 -18.78 1.91
N GLY B 288 -2.14 -17.68 1.29
CA GLY B 288 -1.99 -16.43 2.02
C GLY B 288 -1.49 -15.29 1.16
N VAL B 289 -1.61 -14.08 1.71
CA VAL B 289 -1.26 -12.84 1.05
C VAL B 289 -0.46 -11.98 2.00
N GLY B 290 0.72 -11.55 1.54
CA GLY B 290 1.53 -10.61 2.30
C GLY B 290 1.71 -9.24 1.64
N GLN B 291 1.44 -9.15 0.34
CA GLN B 291 1.69 -7.90 -0.37
C GLN B 291 0.40 -7.46 -1.09
N MET B 292 0.16 -6.15 -1.08
CA MET B 292 -1.10 -5.50 -1.43
C MET B 292 -0.85 -4.04 -1.78
N PHE B 293 -1.38 -3.57 -2.92
CA PHE B 293 -1.38 -2.16 -3.26
C PHE B 293 -2.76 -1.72 -3.75
N PHE B 294 -3.25 -0.57 -3.25
CA PHE B 294 -4.40 0.12 -3.81
C PHE B 294 -3.94 1.38 -4.56
N SER B 295 -4.57 1.68 -5.72
CA SER B 295 -4.35 2.93 -6.46
C SER B 295 -5.65 3.67 -6.71
N PRO B 296 -5.70 5.00 -6.55
CA PRO B 296 -4.59 5.81 -6.00
C PRO B 296 -4.44 5.89 -4.47
N ASN B 297 -5.24 5.12 -3.71
CA ASN B 297 -5.06 4.98 -2.26
C ASN B 297 -5.44 6.27 -1.54
N SER B 298 -6.52 6.89 -1.97
CA SER B 298 -7.14 7.97 -1.21
C SER B 298 -8.35 7.40 -0.47
N ARG B 299 -8.59 7.98 0.72
CA ARG B 299 -9.63 7.52 1.61
C ARG B 299 -11.02 7.65 1.00
N ASN B 300 -11.24 8.65 0.10
CA ASN B 300 -12.58 8.89 -0.46
C ASN B 300 -12.63 8.65 -1.97
N VAL B 301 -11.80 7.73 -2.44
CA VAL B 301 -11.82 7.34 -3.85
C VAL B 301 -11.75 5.81 -3.87
N LEU B 302 -12.83 5.13 -4.33
CA LEU B 302 -12.76 3.70 -4.58
C LEU B 302 -11.62 3.45 -5.54
N PRO B 303 -10.85 2.37 -5.34
CA PRO B 303 -9.60 2.18 -6.08
C PRO B 303 -9.81 1.79 -7.54
N GLY B 304 -8.97 2.33 -8.43
CA GLY B 304 -9.00 1.94 -9.83
C GLY B 304 -8.20 0.67 -10.12
N LYS B 305 -7.18 0.41 -9.28
CA LYS B 305 -6.33 -0.76 -9.33
C LYS B 305 -6.11 -1.29 -7.91
N VAL B 306 -6.29 -2.60 -7.76
CA VAL B 306 -5.86 -3.30 -6.57
C VAL B 306 -4.95 -4.45 -7.02
N VAL B 307 -3.72 -4.48 -6.50
CA VAL B 307 -2.69 -5.40 -6.94
C VAL B 307 -2.26 -6.18 -5.70
N PHE B 308 -2.24 -7.51 -5.79
CA PHE B 308 -1.79 -8.32 -4.66
C PHE B 308 -1.26 -9.67 -5.12
N THR B 309 -0.48 -10.33 -4.23
CA THR B 309 0.11 -11.63 -4.53
C THR B 309 -0.39 -12.71 -3.56
N VAL B 310 -0.96 -13.74 -4.17
CA VAL B 310 -1.35 -14.95 -3.46
C VAL B 310 -0.22 -15.98 -3.56
N ASP B 311 0.21 -16.45 -2.38
CA ASP B 311 1.24 -17.47 -2.19
C ASP B 311 0.53 -18.78 -1.82
N ILE B 312 0.56 -19.78 -2.72
CA ILE B 312 -0.03 -21.09 -2.41
C ILE B 312 1.04 -22.17 -2.52
N ARG B 313 1.02 -23.12 -1.57
CA ARG B 313 2.05 -24.15 -1.52
C ARG B 313 1.48 -25.50 -1.06
N SER B 314 2.09 -26.57 -1.57
CA SER B 314 1.80 -27.94 -1.18
C SER B 314 3.03 -28.80 -1.48
N PRO B 315 3.34 -29.80 -0.60
CA PRO B 315 4.28 -30.87 -0.94
C PRO B 315 3.84 -31.78 -2.09
N ASP B 316 2.54 -31.77 -2.40
CA ASP B 316 1.91 -32.68 -3.36
C ASP B 316 1.62 -31.89 -4.65
N GLN B 317 2.23 -32.30 -5.77
CA GLN B 317 2.10 -31.66 -7.08
C GLN B 317 0.66 -31.55 -7.57
N ALA B 318 -0.08 -32.67 -7.61
CA ALA B 318 -1.46 -32.68 -8.08
C ALA B 318 -2.34 -31.75 -7.23
N LYS B 319 -2.20 -31.83 -5.91
CA LYS B 319 -2.87 -30.92 -4.98
C LYS B 319 -2.50 -29.46 -5.27
N LEU B 320 -1.23 -29.15 -5.56
CA LEU B 320 -0.85 -27.77 -5.85
C LEU B 320 -1.43 -27.32 -7.18
N ASP B 321 -1.31 -28.16 -8.21
CA ASP B 321 -1.93 -27.89 -9.50
C ASP B 321 -3.42 -27.56 -9.33
N GLY B 322 -4.11 -28.36 -8.48
CA GLY B 322 -5.56 -28.26 -8.32
C GLY B 322 -5.99 -26.97 -7.63
N MET B 323 -5.21 -26.54 -6.64
CA MET B 323 -5.49 -25.32 -5.90
C MET B 323 -5.33 -24.11 -6.85
N ARG B 324 -4.32 -24.14 -7.70
CA ARG B 324 -4.07 -23.08 -8.65
C ARG B 324 -5.23 -23.03 -9.66
N ALA B 325 -5.53 -24.13 -10.35
CA ALA B 325 -6.61 -24.13 -11.32
C ALA B 325 -7.87 -23.52 -10.69
N ARG B 326 -8.21 -23.96 -9.46
CA ARG B 326 -9.41 -23.52 -8.76
C ARG B 326 -9.39 -22.02 -8.41
N ILE B 327 -8.31 -21.52 -7.82
CA ILE B 327 -8.17 -20.10 -7.54
C ILE B 327 -8.29 -19.30 -8.83
N GLU B 328 -7.66 -19.80 -9.91
CA GLU B 328 -7.68 -19.08 -11.17
C GLU B 328 -9.03 -19.13 -11.88
N ALA B 329 -9.89 -20.11 -11.57
CA ALA B 329 -11.22 -20.14 -12.14
C ALA B 329 -12.19 -19.31 -11.30
N GLU B 330 -12.14 -19.40 -9.96
CA GLU B 330 -13.14 -18.78 -9.11
C GLU B 330 -12.90 -17.27 -9.04
N ALA B 331 -11.66 -16.79 -9.16
CA ALA B 331 -11.38 -15.39 -8.86
C ALA B 331 -11.99 -14.46 -9.92
N PRO B 332 -11.80 -14.69 -11.25
CA PRO B 332 -12.50 -13.92 -12.29
C PRO B 332 -14.02 -13.85 -12.16
N LYS B 333 -14.65 -14.88 -11.57
CA LYS B 333 -16.09 -14.92 -11.37
C LYS B 333 -16.48 -14.07 -10.17
N ILE B 334 -15.68 -14.09 -9.11
CA ILE B 334 -15.92 -13.14 -8.02
C ILE B 334 -15.91 -11.72 -8.61
N CYS B 335 -14.93 -11.44 -9.49
CA CYS B 335 -14.70 -10.10 -10.04
C CYS B 335 -15.81 -9.69 -11.04
N GLU B 336 -16.16 -10.59 -11.96
CA GLU B 336 -17.21 -10.37 -12.96
C GLU B 336 -18.53 -10.07 -12.26
N ARG B 337 -18.85 -10.78 -11.16
CA ARG B 337 -20.06 -10.47 -10.41
C ARG B 337 -20.05 -9.04 -9.87
N LEU B 338 -18.89 -8.36 -9.74
CA LEU B 338 -18.82 -7.00 -9.20
C LEU B 338 -18.49 -5.95 -10.27
N GLY B 339 -18.45 -6.35 -11.55
CA GLY B 339 -18.07 -5.47 -12.65
C GLY B 339 -16.55 -5.29 -12.79
N VAL B 340 -15.75 -6.04 -12.03
CA VAL B 340 -14.32 -5.79 -11.85
C VAL B 340 -13.53 -6.65 -12.85
N GLY B 341 -12.53 -6.04 -13.50
CA GLY B 341 -11.66 -6.73 -14.43
C GLY B 341 -10.56 -7.46 -13.66
N CYS B 342 -10.15 -8.64 -14.14
CA CYS B 342 -9.27 -9.53 -13.40
C CYS B 342 -8.18 -10.03 -14.33
N SER B 343 -6.94 -9.90 -13.86
CA SER B 343 -5.76 -10.29 -14.61
C SER B 343 -4.76 -10.93 -13.64
N ILE B 344 -4.21 -12.10 -14.04
CA ILE B 344 -3.36 -12.88 -13.16
C ILE B 344 -2.07 -13.23 -13.89
N GLU B 345 -0.94 -13.00 -13.21
CA GLU B 345 0.34 -13.39 -13.73
C GLU B 345 1.10 -14.14 -12.63
N ALA B 346 1.68 -15.30 -13.00
CA ALA B 346 2.67 -15.99 -12.19
C ALA B 346 3.96 -15.16 -12.12
N VAL B 347 4.34 -14.70 -10.92
CA VAL B 347 5.59 -13.98 -10.72
C VAL B 347 6.49 -14.82 -9.82
N GLY B 348 6.31 -16.13 -9.84
CA GLY B 348 7.18 -17.02 -9.11
C GLY B 348 6.56 -18.42 -9.02
N HIS B 349 7.44 -19.41 -9.07
CA HIS B 349 7.03 -20.79 -9.19
C HIS B 349 8.22 -21.70 -8.88
N CYS B 350 8.05 -22.64 -7.93
CA CYS B 350 8.93 -23.80 -7.80
C CYS B 350 8.13 -25.06 -7.56
N ASP B 351 8.36 -26.11 -8.35
CA ASP B 351 7.66 -27.38 -8.15
C ASP B 351 8.26 -28.10 -6.92
N PRO B 352 7.46 -28.99 -6.25
CA PRO B 352 7.97 -29.82 -5.16
C PRO B 352 9.24 -30.56 -5.58
N VAL B 353 10.24 -30.58 -4.67
CA VAL B 353 11.52 -31.20 -4.98
C VAL B 353 11.77 -32.41 -4.08
N THR B 354 12.30 -33.49 -4.68
CA THR B 354 12.78 -34.65 -3.94
C THR B 354 14.31 -34.60 -3.87
N PHE B 355 14.87 -34.51 -2.65
CA PHE B 355 16.31 -34.34 -2.54
C PHE B 355 17.02 -35.67 -2.84
N ASP B 356 18.31 -35.57 -3.17
CA ASP B 356 19.09 -36.70 -3.62
C ASP B 356 19.20 -37.70 -2.48
N PRO B 357 18.64 -38.94 -2.63
CA PRO B 357 18.52 -39.86 -1.49
C PRO B 357 19.86 -40.31 -0.91
N LYS B 358 20.91 -40.38 -1.74
CA LYS B 358 22.24 -40.77 -1.27
C LYS B 358 22.80 -39.69 -0.34
N LEU B 359 22.64 -38.41 -0.69
CA LEU B 359 23.10 -37.32 0.18
C LEU B 359 22.25 -37.22 1.44
N VAL B 360 20.95 -37.57 1.32
CA VAL B 360 20.07 -37.66 2.47
C VAL B 360 20.62 -38.69 3.47
N GLU B 361 21.05 -39.88 3.01
CA GLU B 361 21.66 -40.87 3.91
C GLU B 361 22.97 -40.36 4.53
N THR B 362 23.80 -39.66 3.75
CA THR B 362 25.03 -39.08 4.30
C THR B 362 24.73 -38.16 5.48
N VAL B 363 23.63 -37.41 5.38
CA VAL B 363 23.25 -36.45 6.40
C VAL B 363 22.76 -37.17 7.65
N ARG B 364 21.83 -38.11 7.45
CA ARG B 364 21.39 -38.97 8.53
C ARG B 364 22.59 -39.66 9.18
N GLY B 365 23.51 -40.20 8.37
CA GLY B 365 24.68 -40.86 8.90
C GLY B 365 25.53 -39.95 9.79
N ALA B 366 25.76 -38.71 9.35
CA ALA B 366 26.55 -37.76 10.11
C ALA B 366 25.90 -37.46 11.46
N ALA B 367 24.56 -37.35 11.48
CA ALA B 367 23.79 -37.12 12.68
C ALA B 367 23.99 -38.26 13.68
N GLU B 368 23.94 -39.51 13.17
CA GLU B 368 24.07 -40.71 13.98
C GLU B 368 25.49 -40.83 14.54
N LYS B 369 26.49 -40.68 13.66
CA LYS B 369 27.91 -40.67 14.02
C LYS B 369 28.18 -39.68 15.16
N LEU B 370 27.45 -38.57 15.19
CA LEU B 370 27.69 -37.48 16.12
C LEU B 370 26.85 -37.61 17.38
N GLY B 371 25.84 -38.51 17.38
CA GLY B 371 24.92 -38.68 18.50
C GLY B 371 23.84 -37.60 18.61
N TYR B 372 23.44 -37.00 17.49
CA TYR B 372 22.36 -36.02 17.49
C TYR B 372 21.02 -36.69 17.13
N SER B 373 19.99 -36.39 17.92
CA SER B 373 18.64 -36.82 17.61
C SER B 373 18.21 -36.18 16.28
N HIS B 374 17.49 -36.96 15.46
CA HIS B 374 17.11 -36.56 14.11
C HIS B 374 15.75 -37.14 13.72
N MET B 375 15.06 -36.46 12.79
CA MET B 375 13.90 -36.98 12.08
C MET B 375 13.89 -36.42 10.67
N ASN B 376 13.13 -37.04 9.77
CA ASN B 376 12.91 -36.51 8.44
C ASN B 376 11.95 -35.31 8.46
N LEU B 377 12.07 -34.44 7.44
CA LEU B 377 11.28 -33.22 7.28
C LEU B 377 11.10 -32.91 5.81
N VAL B 378 9.89 -32.44 5.48
CA VAL B 378 9.64 -31.67 4.28
C VAL B 378 9.86 -30.19 4.58
N SER B 379 10.74 -29.52 3.81
CA SER B 379 10.92 -28.09 3.96
C SER B 379 9.67 -27.34 3.54
N GLY B 380 9.21 -26.44 4.41
CA GLY B 380 8.07 -25.57 4.18
C GLY B 380 8.38 -24.43 3.22
N ALA B 381 9.56 -23.82 3.40
CA ALA B 381 10.00 -22.72 2.55
C ALA B 381 10.59 -23.29 1.27
N GLY B 382 10.74 -22.44 0.26
CA GLY B 382 11.67 -22.68 -0.83
C GLY B 382 13.08 -22.17 -0.50
N HIS B 383 14.07 -22.69 -1.22
CA HIS B 383 15.47 -22.39 -0.97
C HIS B 383 16.23 -22.47 -2.27
N ASP B 384 17.45 -21.90 -2.28
CA ASP B 384 18.29 -22.01 -3.48
C ASP B 384 18.56 -23.48 -3.82
N ALA B 385 18.64 -24.32 -2.78
CA ALA B 385 18.75 -25.77 -2.89
C ALA B 385 17.75 -26.37 -3.89
N CYS B 386 16.53 -25.81 -3.98
CA CYS B 386 15.50 -26.35 -4.86
C CYS B 386 15.87 -26.20 -6.34
N TRP B 387 16.54 -25.10 -6.70
CA TRP B 387 17.07 -24.96 -8.05
C TRP B 387 18.38 -25.73 -8.23
N ALA B 388 19.25 -25.73 -7.22
CA ALA B 388 20.48 -26.51 -7.28
C ALA B 388 20.19 -27.97 -7.68
N ALA B 389 19.10 -28.53 -7.17
CA ALA B 389 18.66 -29.90 -7.40
C ALA B 389 18.31 -30.18 -8.87
N LYS B 390 17.99 -29.15 -9.65
CA LYS B 390 17.89 -29.34 -11.08
C LYS B 390 19.22 -29.82 -11.68
N VAL B 391 20.36 -29.34 -11.16
CA VAL B 391 21.61 -29.48 -11.89
C VAL B 391 22.68 -30.29 -11.15
N ALA B 392 22.42 -30.73 -9.92
CA ALA B 392 23.41 -31.48 -9.17
C ALA B 392 22.70 -32.24 -8.03
N PRO B 393 23.26 -33.37 -7.57
CA PRO B 393 22.79 -34.01 -6.34
C PRO B 393 22.82 -32.98 -5.21
N THR B 394 21.71 -32.91 -4.46
CA THR B 394 21.46 -31.82 -3.53
C THR B 394 20.67 -32.34 -2.34
N THR B 395 21.00 -31.85 -1.15
CA THR B 395 20.09 -31.96 -0.02
C THR B 395 20.30 -30.79 0.93
N MET B 396 19.45 -30.79 1.98
CA MET B 396 19.47 -29.77 3.02
C MET B 396 19.49 -30.43 4.40
N ILE B 397 19.93 -29.61 5.35
CA ILE B 397 20.03 -29.93 6.76
C ILE B 397 19.29 -28.81 7.47
N MET B 398 18.46 -29.16 8.45
CA MET B 398 17.82 -28.11 9.24
C MET B 398 18.14 -28.25 10.72
N CYS B 399 18.19 -27.11 11.42
CA CYS B 399 18.11 -27.10 12.86
C CYS B 399 16.76 -26.51 13.27
N PRO B 400 16.37 -26.63 14.56
CA PRO B 400 15.09 -26.11 15.03
C PRO B 400 15.15 -24.59 15.08
N CYS B 401 13.96 -23.96 15.12
CA CYS B 401 13.84 -22.57 15.54
C CYS B 401 12.61 -22.44 16.42
N VAL B 402 12.66 -21.46 17.34
CA VAL B 402 11.65 -21.25 18.36
C VAL B 402 10.29 -20.90 17.72
N GLY B 403 9.28 -21.72 18.08
CA GLY B 403 7.90 -21.59 17.65
C GLY B 403 7.74 -21.69 16.14
N GLY B 404 8.77 -22.14 15.41
CA GLY B 404 8.83 -22.07 13.96
C GLY B 404 8.67 -20.66 13.39
N LEU B 405 8.96 -19.63 14.18
CA LEU B 405 8.80 -18.25 13.76
C LEU B 405 9.96 -17.85 12.84
N SER B 406 9.63 -17.30 11.67
CA SER B 406 10.62 -16.83 10.72
C SER B 406 10.01 -15.71 9.89
N HIS B 407 10.84 -14.93 9.17
CA HIS B 407 10.42 -13.71 8.50
C HIS B 407 9.84 -12.73 9.52
N ASN B 408 10.40 -12.76 10.72
CA ASN B 408 10.06 -11.92 11.84
C ASN B 408 11.40 -11.62 12.52
N GLU B 409 11.57 -10.38 12.98
CA GLU B 409 12.80 -10.01 13.67
C GLU B 409 13.03 -10.86 14.92
N ALA B 410 11.97 -11.47 15.48
CA ALA B 410 12.10 -12.22 16.74
C ALA B 410 12.55 -13.67 16.51
N GLU B 411 12.81 -14.07 15.26
CA GLU B 411 13.40 -15.35 14.87
C GLU B 411 14.59 -15.70 15.78
N ASP B 412 14.56 -16.91 16.37
CA ASP B 412 15.43 -17.27 17.48
C ASP B 412 15.95 -18.73 17.38
N ILE B 413 17.28 -18.87 17.52
CA ILE B 413 17.95 -20.15 17.75
C ILE B 413 19.01 -19.95 18.85
N SER B 414 19.45 -21.07 19.44
CA SER B 414 20.46 -21.04 20.49
C SER B 414 21.80 -21.40 19.89
N ARG B 415 22.87 -20.98 20.57
CA ARG B 415 24.23 -21.32 20.21
C ARG B 415 24.32 -22.83 19.94
N GLU B 416 23.66 -23.63 20.80
CA GLU B 416 23.72 -25.09 20.82
C GLU B 416 23.04 -25.67 19.58
N TRP B 417 21.88 -25.14 19.16
CA TRP B 417 21.20 -25.62 17.96
C TRP B 417 22.02 -25.35 16.69
N ALA B 418 22.53 -24.12 16.54
CA ALA B 418 23.29 -23.70 15.39
C ALA B 418 24.52 -24.62 15.21
N ALA B 419 25.26 -24.83 16.29
CA ALA B 419 26.50 -25.63 16.24
C ALA B 419 26.24 -27.09 15.88
N ALA B 420 25.20 -27.72 16.45
CA ALA B 420 24.89 -29.11 16.16
C ALA B 420 24.70 -29.33 14.65
N GLY B 421 23.89 -28.49 13.98
CA GLY B 421 23.65 -28.65 12.56
C GLY B 421 24.88 -28.34 11.72
N ALA B 422 25.73 -27.43 12.21
CA ALA B 422 26.96 -27.11 11.49
C ALA B 422 27.90 -28.31 11.51
N ASP B 423 27.98 -28.96 12.68
CA ASP B 423 28.72 -30.20 12.86
C ASP B 423 28.24 -31.23 11.84
N VAL B 424 26.92 -31.35 11.62
CA VAL B 424 26.37 -32.33 10.70
C VAL B 424 26.73 -31.93 9.26
N LEU B 425 26.69 -30.62 8.96
CA LEU B 425 27.16 -30.10 7.68
C LEU B 425 28.63 -30.47 7.41
N PHE B 426 29.49 -30.20 8.39
CA PHE B 426 30.92 -30.50 8.31
C PHE B 426 31.16 -31.95 7.91
N HIS B 427 30.51 -32.87 8.62
CA HIS B 427 30.76 -34.30 8.45
C HIS B 427 30.12 -34.84 7.19
N ALA B 428 28.94 -34.32 6.84
CA ALA B 428 28.31 -34.72 5.59
C ALA B 428 29.19 -34.31 4.40
N VAL B 429 29.74 -33.09 4.47
CA VAL B 429 30.55 -32.58 3.38
C VAL B 429 31.86 -33.36 3.28
N LEU B 430 32.45 -33.72 4.43
CA LEU B 430 33.69 -34.49 4.44
C LEU B 430 33.48 -35.90 3.88
N GLU B 431 32.39 -36.58 4.26
CA GLU B 431 32.04 -37.86 3.66
C GLU B 431 31.96 -37.71 2.14
N THR B 432 31.29 -36.65 1.67
CA THR B 432 31.03 -36.50 0.24
C THR B 432 32.27 -36.02 -0.53
N ALA B 433 33.09 -35.14 0.09
CA ALA B 433 34.29 -34.63 -0.54
C ALA B 433 35.47 -35.59 -0.38
N GLU B 434 35.44 -36.47 0.66
CA GLU B 434 36.39 -37.56 0.88
C GLU B 434 37.68 -37.03 1.50
N ILE B 435 37.97 -37.36 2.76
CA ILE B 435 39.22 -37.02 3.44
C ILE B 435 40.42 -37.81 2.85
N VAL B 436 41.61 -37.19 2.86
CA VAL B 436 42.85 -37.90 2.65
C VAL B 436 43.67 -37.90 3.95
ZN ZN C . -15.73 19.09 -3.57
FE FE D . -15.60 19.57 -3.83
ZN ZN E . -14.00 16.12 -3.96
FE FE F . -13.88 16.19 -3.95
O2 NV6 G . -16.51 12.64 6.22
C1 NV6 G . -15.68 16.84 -2.07
O3 NV6 G . -17.03 13.84 0.63
O1 NV6 G . -14.53 17.15 -2.36
C2 NV6 G . -15.33 15.44 0.15
C3 NV6 G . -15.43 15.96 1.62
N1 NV6 G . -16.64 17.24 -2.95
C4 NV6 G . -15.75 15.03 2.80
O4 NV6 G . -15.09 13.09 -0.17
C5 NV6 G . -15.09 13.82 3.04
C6 NV6 G . -15.34 13.04 4.17
C7 NV6 G . -16.27 13.43 5.12
C10 NV6 G . -15.87 14.00 0.19
C9 NV6 G . -16.64 15.42 3.80
C8 NV6 G . -16.92 14.64 4.93
N2 NV6 G . -16.05 16.29 -0.87
ZN ZN H . 16.33 -18.72 3.55
FE FE I . 16.26 -18.63 3.57
ZN ZN J . 13.63 -16.19 3.92
FE FE K . 13.67 -16.16 3.89
O2 NV6 L . 7.41 -19.64 -4.83
C1 NV6 L . 13.20 -18.34 2.38
O3 NV6 L . 9.47 -17.28 0.78
O1 NV6 L . 12.57 -17.72 3.26
C2 NV6 L . 11.63 -18.13 0.26
C3 NV6 L . 11.77 -18.64 -1.20
N1 NV6 L . 14.45 -18.70 2.70
C4 NV6 L . 10.55 -18.90 -2.11
O4 NV6 L . 9.76 -19.45 1.00
C5 NV6 L . 10.45 -20.08 -2.85
C6 NV6 L . 9.43 -20.36 -3.75
C7 NV6 L . 8.45 -19.40 -3.97
C10 NV6 L . 10.17 -18.30 0.73
C9 NV6 L . 9.56 -17.96 -2.38
C8 NV6 L . 8.53 -18.21 -3.27
N2 NV6 L . 12.67 -18.75 1.17
CL CL M . 20.35 1.39 -0.45
#